data_6HNR
#
_entry.id   6HNR
#
_cell.length_a   74.787
_cell.length_b   90.449
_cell.length_c   82.727
_cell.angle_alpha   90.00
_cell.angle_beta   115.52
_cell.angle_gamma   90.00
#
_symmetry.space_group_name_H-M   'P 1 21 1'
#
loop_
_entity.id
_entity.type
_entity.pdbx_description
1 polymer 'Pteridine reductase'
2 polymer 'Pteridine reductase'
3 non-polymer 'NADP NICOTINAMIDE-ADENINE-DINUCLEOTIDE PHOSPHATE'
4 non-polymer 1-(3,4-dichlorophenyl)-6,6-dimethyl-1,3,5-triazine-2,4-diamine
5 non-polymer 'ACETATE ION'
6 non-polymer GLYCEROL
7 water water
#
loop_
_entity_poly.entity_id
_entity_poly.type
_entity_poly.pdbx_seq_one_letter_code
_entity_poly.pdbx_strand_id
1 'polypeptide(L)'
;MGSSHHHHHHSSGLVPRGSHMEAPAAVVTGAAKRIGRAIAVKLHQTGYRVVIHYHNSAEAAVSLADELNKERSNTAVVCQ
ADLTNSNVLPASCEEIINSCFRAFGRCDVLVNNASAFYPTPLVQGDHEDNSNGKTVETQVAELIGTNAIAPFLLTMSFAQ
RQKGTNPNCTSSNLSIVNLCDAMVDQPCMAFSLYNMGKHALVGLTQSAALELAPYGIRVNGVAPGVSLLPVAMGEEEKDK
WRRKVPLGRREASAEQIADAVIFLVSGSAQYITGSIIKVDGGLSLVHA
;
A,D
2 'polypeptide(L)'
;MGSSHHHHHHSSGLVPRGSHMEAPAAVVTGAAKRIGRAIAVKLHQTGYRVVIHYHNSAEAAVSLADELNKERSNTAVVCQ
ADLTNSNVLPASCEEIINSCFRAFGRCDVLVNNASAFYPTPLVQGDHEDNSNGKTVETQVAELIGTNAIAPFLLTMSFAQ
RQKGTNPNCTSSNLSIVNLCDAMVDQP(CSX)MAFSLYNMGKHALVGLTQSAALELAPYGIRVNGVAPGVSLLPVAMGEE
EKDKWRRKVPLGRREASAEQIADAVIFLVSGSAQYITGSIIKVDGGLSLVHA
;
B,C
#
loop_
_chem_comp.id
_chem_comp.type
_chem_comp.name
_chem_comp.formula
ACT non-polymer 'ACETATE ION' 'C2 H3 O2 -1'
GFE non-polymer 1-(3,4-dichlorophenyl)-6,6-dimethyl-1,3,5-triazine-2,4-diamine 'C11 H13 Cl2 N5'
GOL non-polymer GLYCEROL 'C3 H8 O3'
NAP non-polymer 'NADP NICOTINAMIDE-ADENINE-DINUCLEOTIDE PHOSPHATE' 'C21 H28 N7 O17 P3'
#
# COMPACT_ATOMS: atom_id res chain seq x y z
N GLU A 22 33.99 12.25 20.08
CA GLU A 22 33.42 10.93 20.51
C GLU A 22 31.89 10.95 20.45
N ALA A 23 31.24 12.12 20.57
CA ALA A 23 29.79 12.23 20.41
C ALA A 23 29.43 12.12 18.92
N PRO A 24 28.37 11.40 18.56
CA PRO A 24 28.03 11.28 17.12
C PRO A 24 27.51 12.63 16.62
N ALA A 25 27.39 12.73 15.29
CA ALA A 25 26.96 14.02 14.74
C ALA A 25 25.82 13.79 13.74
N ALA A 26 24.93 14.78 13.68
CA ALA A 26 23.75 14.73 12.80
C ALA A 26 23.62 15.99 11.95
N VAL A 27 23.11 15.86 10.70
CA VAL A 27 22.70 16.99 9.89
C VAL A 27 21.17 16.99 9.87
N VAL A 28 20.56 18.11 10.18
CA VAL A 28 19.11 18.28 10.01
C VAL A 28 18.85 19.40 9.03
N THR A 29 18.15 19.09 7.91
CA THR A 29 17.84 20.18 6.97
C THR A 29 16.58 20.93 7.39
N GLY A 30 16.52 22.21 7.07
CA GLY A 30 15.44 23.10 7.45
C GLY A 30 15.21 23.09 8.97
N ALA A 31 16.30 23.20 9.75
CA ALA A 31 16.24 22.97 11.19
C ALA A 31 16.08 24.27 11.98
N ALA A 32 15.94 25.42 11.32
CA ALA A 32 15.83 26.66 12.12
C ALA A 32 14.51 26.77 12.90
N LYS A 33 13.43 26.21 12.37
CA LYS A 33 12.15 26.49 12.98
C LYS A 33 11.33 25.19 12.98
N ARG A 34 10.24 25.15 13.77
CA ARG A 34 9.15 24.18 13.63
C ARG A 34 9.65 22.75 13.83
N ILE A 35 9.31 21.83 12.90
CA ILE A 35 9.59 20.42 13.20
C ILE A 35 11.10 20.18 13.14
N GLY A 36 11.80 20.82 12.19
CA GLY A 36 13.23 20.53 12.10
C GLY A 36 14.01 21.06 13.33
N ARG A 37 13.53 22.17 13.89
CA ARG A 37 14.15 22.68 15.11
C ARG A 37 13.95 21.66 16.23
N ALA A 38 12.72 21.13 16.34
CA ALA A 38 12.44 20.22 17.42
C ALA A 38 13.30 18.96 17.25
N ILE A 39 13.49 18.48 16.00
CA ILE A 39 14.38 17.35 15.79
C ILE A 39 15.81 17.68 16.23
N ALA A 40 16.33 18.86 15.82
CA ALA A 40 17.71 19.20 16.16
C ALA A 40 17.86 19.27 17.69
N VAL A 41 16.86 19.86 18.35
CA VAL A 41 16.95 19.99 19.81
C VAL A 41 16.96 18.62 20.47
N LYS A 42 16.06 17.71 20.03
CA LYS A 42 15.97 16.43 20.71
C LYS A 42 17.21 15.60 20.34
N LEU A 43 17.77 15.71 19.10
CA LEU A 43 19.00 14.96 18.86
C LEU A 43 20.11 15.49 19.81
N HIS A 44 20.19 16.80 19.92
CA HIS A 44 21.22 17.40 20.79
C HIS A 44 21.03 16.93 22.23
N GLN A 45 19.78 16.92 22.72
CA GLN A 45 19.47 16.38 24.05
C GLN A 45 19.87 14.91 24.22
N THR A 46 19.85 14.11 23.15
CA THR A 46 20.26 12.73 23.14
C THR A 46 21.77 12.56 23.14
N GLY A 47 22.54 13.62 22.85
CA GLY A 47 23.99 13.43 22.83
C GLY A 47 24.67 13.85 21.50
N TYR A 48 23.88 14.15 20.47
CA TYR A 48 24.44 14.46 19.16
C TYR A 48 24.96 15.90 19.11
N ARG A 49 26.05 16.03 18.31
CA ARG A 49 26.44 17.32 17.71
C ARG A 49 25.64 17.53 16.42
N VAL A 50 25.14 18.74 16.17
CA VAL A 50 24.20 18.97 15.06
CA VAL A 50 24.19 18.98 15.07
C VAL A 50 24.69 20.07 14.12
N VAL A 51 24.41 19.88 12.82
CA VAL A 51 24.50 20.93 11.82
C VAL A 51 23.06 21.36 11.53
N ILE A 52 22.78 22.62 11.83
CA ILE A 52 21.50 23.25 11.60
C ILE A 52 21.51 23.87 10.21
N HIS A 53 20.94 23.16 9.22
CA HIS A 53 20.83 23.73 7.89
C HIS A 53 19.66 24.72 7.85
N TYR A 54 19.82 25.81 7.10
CA TYR A 54 18.72 26.73 6.89
C TYR A 54 18.87 27.37 5.51
N HIS A 55 17.82 28.03 5.03
CA HIS A 55 17.89 28.67 3.73
C HIS A 55 17.73 30.16 4.00
N ASN A 56 16.53 30.56 4.43
CA ASN A 56 16.27 31.98 4.65
C ASN A 56 16.31 32.35 6.14
N SER A 57 16.15 31.41 7.05
CA SER A 57 15.91 31.84 8.43
C SER A 57 17.23 31.90 9.20
N ALA A 58 18.10 32.89 8.87
CA ALA A 58 19.45 32.95 9.41
C ALA A 58 19.45 33.26 10.91
N GLU A 59 18.62 34.23 11.31
CA GLU A 59 18.51 34.68 12.68
C GLU A 59 18.05 33.54 13.60
N ALA A 60 16.97 32.83 13.21
CA ALA A 60 16.51 31.67 13.95
C ALA A 60 17.59 30.57 14.04
N ALA A 61 18.31 30.30 12.93
CA ALA A 61 19.32 29.26 12.91
C ALA A 61 20.47 29.58 13.88
N VAL A 62 20.99 30.80 13.77
CA VAL A 62 22.04 31.29 14.65
C VAL A 62 21.59 31.27 16.12
N SER A 63 20.34 31.65 16.40
CA SER A 63 19.85 31.65 17.77
CA SER A 63 19.83 31.64 17.77
C SER A 63 19.73 30.23 18.34
N LEU A 64 19.24 29.29 17.52
CA LEU A 64 19.22 27.92 18.00
C LEU A 64 20.64 27.40 18.24
N ALA A 65 21.62 27.69 17.34
CA ALA A 65 22.98 27.13 17.50
C ALA A 65 23.59 27.69 18.80
N ASP A 66 23.20 28.93 19.08
CA ASP A 66 23.68 29.66 20.25
C ASP A 66 23.17 28.96 21.51
N GLU A 67 21.85 28.70 21.54
CA GLU A 67 21.19 28.01 22.64
C GLU A 67 21.80 26.63 22.87
N LEU A 68 22.04 25.85 21.81
CA LEU A 68 22.65 24.53 21.97
C LEU A 68 24.09 24.62 22.46
N ASN A 69 24.85 25.58 21.95
CA ASN A 69 26.25 25.65 22.32
C ASN A 69 26.40 26.14 23.77
N LYS A 70 25.40 26.89 24.23
CA LYS A 70 25.41 27.37 25.61
C LYS A 70 25.30 26.15 26.52
N GLU A 71 24.49 25.17 26.13
CA GLU A 71 24.33 23.93 26.88
C GLU A 71 25.59 23.04 26.81
N ARG A 72 26.23 22.87 25.65
CA ARG A 72 27.48 22.11 25.57
C ARG A 72 28.32 22.74 24.46
N SER A 73 29.47 23.37 24.80
CA SER A 73 30.16 24.16 23.78
C SER A 73 30.57 23.29 22.58
N ASN A 74 30.54 23.91 21.39
CA ASN A 74 31.10 23.33 20.17
C ASN A 74 30.28 22.10 19.76
N THR A 75 28.97 22.20 19.92
CA THR A 75 28.14 21.06 19.60
C THR A 75 27.09 21.37 18.51
N ALA A 76 27.13 22.56 17.94
CA ALA A 76 26.15 23.01 16.94
C ALA A 76 26.79 24.01 16.01
N VAL A 77 26.59 23.82 14.70
CA VAL A 77 27.00 24.81 13.71
C VAL A 77 25.80 25.03 12.77
N VAL A 78 25.79 26.15 12.04
CA VAL A 78 24.77 26.37 11.02
C VAL A 78 25.41 26.18 9.65
N CYS A 79 24.56 25.97 8.62
CA CYS A 79 25.02 25.77 7.26
C CYS A 79 23.91 26.28 6.38
N GLN A 80 24.16 27.28 5.54
CA GLN A 80 23.12 27.87 4.73
C GLN A 80 23.17 27.21 3.36
N ALA A 81 21.97 26.86 2.82
CA ALA A 81 21.91 26.40 1.43
C ALA A 81 20.49 26.46 0.90
N ASP A 82 20.39 26.76 -0.41
CA ASP A 82 19.11 26.67 -1.10
C ASP A 82 19.04 25.26 -1.68
N LEU A 83 17.93 24.50 -1.39
CA LEU A 83 17.88 23.12 -1.84
C LEU A 83 16.93 23.00 -3.08
N THR A 84 16.68 24.13 -3.76
CA THR A 84 15.98 24.09 -5.05
C THR A 84 16.87 23.35 -6.03
N ASN A 85 16.25 22.54 -6.94
CA ASN A 85 17.07 21.83 -7.91
C ASN A 85 17.72 22.84 -8.87
N SER A 86 18.95 22.51 -9.24
CA SER A 86 19.69 23.30 -10.24
C SER A 86 20.96 22.54 -10.56
N ASN A 87 21.77 23.07 -11.50
CA ASN A 87 23.00 22.34 -11.74
C ASN A 87 24.04 22.49 -10.64
N VAL A 88 23.81 23.37 -9.69
CA VAL A 88 24.70 23.46 -8.52
C VAL A 88 24.14 22.73 -7.30
N LEU A 89 22.93 22.19 -7.38
CA LEU A 89 22.44 21.53 -6.16
C LEU A 89 23.37 20.42 -5.66
N PRO A 90 23.97 19.56 -6.51
CA PRO A 90 24.87 18.54 -5.99
C PRO A 90 26.01 19.13 -5.14
N ALA A 91 26.61 20.22 -5.63
CA ALA A 91 27.65 20.82 -4.81
C ALA A 91 27.13 21.34 -3.48
N SER A 92 25.94 21.96 -3.45
CA SER A 92 25.37 22.44 -2.20
C SER A 92 25.13 21.31 -1.20
N CYS A 93 24.70 20.16 -1.73
CA CYS A 93 24.38 19.02 -0.85
C CYS A 93 25.70 18.42 -0.35
N GLU A 94 26.71 18.35 -1.23
CA GLU A 94 28.02 17.89 -0.81
C GLU A 94 28.59 18.81 0.27
N GLU A 95 28.35 20.13 0.13
CA GLU A 95 28.81 21.10 1.11
C GLU A 95 28.16 20.94 2.47
N ILE A 96 26.85 20.63 2.48
CA ILE A 96 26.17 20.36 3.73
C ILE A 96 26.80 19.21 4.49
N ILE A 97 27.03 18.10 3.78
CA ILE A 97 27.59 16.95 4.45
C ILE A 97 29.01 17.29 4.86
N ASN A 98 29.74 17.99 3.98
CA ASN A 98 31.12 18.38 4.31
C ASN A 98 31.19 19.27 5.54
N SER A 99 30.18 20.14 5.76
CA SER A 99 30.17 21.00 6.95
CA SER A 99 30.15 21.00 6.94
C SER A 99 30.11 20.18 8.23
N CYS A 100 29.45 19.01 8.17
CA CYS A 100 29.38 18.15 9.35
C CYS A 100 30.77 17.57 9.61
N PHE A 101 31.44 17.13 8.56
CA PHE A 101 32.77 16.54 8.77
C PHE A 101 33.76 17.61 9.23
N ARG A 102 33.64 18.84 8.70
CA ARG A 102 34.60 19.90 9.04
C ARG A 102 34.45 20.24 10.51
N ALA A 103 33.20 20.42 10.99
CA ALA A 103 32.95 20.77 12.38
C ALA A 103 33.22 19.63 13.36
N PHE A 104 32.85 18.37 13.03
CA PHE A 104 32.76 17.32 14.05
C PHE A 104 33.60 16.08 13.71
N GLY A 105 34.11 15.98 12.48
CA GLY A 105 34.97 14.85 12.10
C GLY A 105 34.22 13.55 11.73
N ARG A 106 32.88 13.63 11.69
CA ARG A 106 32.06 12.46 11.38
C ARG A 106 30.65 12.95 11.04
N CYS A 107 29.85 12.03 10.46
CA CYS A 107 28.45 12.39 10.23
C CYS A 107 27.67 11.09 10.30
N ASP A 108 26.91 10.92 11.38
CA ASP A 108 26.27 9.65 11.74
C ASP A 108 24.83 9.59 11.24
N VAL A 109 24.16 10.74 11.22
CA VAL A 109 22.72 10.79 10.96
C VAL A 109 22.42 11.95 10.01
N LEU A 110 21.62 11.66 8.95
CA LEU A 110 21.05 12.74 8.14
C LEU A 110 19.54 12.71 8.33
N VAL A 111 18.95 13.88 8.62
CA VAL A 111 17.50 14.01 8.65
C VAL A 111 17.10 14.95 7.54
N ASN A 112 16.34 14.41 6.54
CA ASN A 112 15.87 15.23 5.45
C ASN A 112 14.50 15.81 5.74
N ASN A 113 14.48 17.01 6.29
CA ASN A 113 13.29 17.63 6.84
C ASN A 113 12.87 18.83 5.98
N ALA A 114 13.80 19.54 5.27
CA ALA A 114 13.42 20.74 4.55
C ALA A 114 12.38 20.45 3.47
N SER A 115 11.45 21.41 3.25
CA SER A 115 10.42 21.09 2.27
C SER A 115 9.71 22.36 1.86
N ALA A 116 9.51 22.54 0.54
CA ALA A 116 8.63 23.59 0.02
C ALA A 116 7.24 23.00 -0.18
N PHE A 117 6.22 23.86 0.03
CA PHE A 117 4.85 23.44 -0.07
C PHE A 117 4.00 24.63 -0.51
N TYR A 118 3.33 24.51 -1.66
CA TYR A 118 2.37 25.52 -2.14
C TYR A 118 1.65 24.86 -3.32
N PRO A 119 0.47 25.38 -3.69
CA PRO A 119 -0.35 24.80 -4.75
C PRO A 119 0.25 25.03 -6.14
N THR A 120 0.05 24.02 -6.99
CA THR A 120 0.47 24.00 -8.39
C THR A 120 -0.74 23.47 -9.18
N PRO A 121 -1.84 24.25 -9.37
CA PRO A 121 -3.05 23.71 -10.03
C PRO A 121 -2.74 23.29 -11.45
N LEU A 122 -3.45 22.24 -11.93
CA LEU A 122 -3.23 21.73 -13.29
C LEU A 122 -3.95 22.60 -14.31
N VAL A 123 -5.04 23.24 -13.86
CA VAL A 123 -5.81 24.08 -14.77
C VAL A 123 -5.83 25.53 -14.29
N GLN A 124 -5.63 26.45 -15.24
CA GLN A 124 -5.72 27.90 -15.07
C GLN A 124 -6.77 28.26 -14.02
N LYS A 134 5.84 32.63 -10.20
CA LYS A 134 7.02 31.83 -10.63
C LYS A 134 6.64 30.95 -11.83
N THR A 135 7.63 30.69 -12.69
CA THR A 135 7.34 29.80 -13.81
C THR A 135 7.10 28.38 -13.28
N VAL A 136 6.51 27.56 -14.15
CA VAL A 136 6.28 26.19 -13.74
C VAL A 136 7.65 25.49 -13.57
N GLU A 137 8.66 25.82 -14.38
CA GLU A 137 9.95 25.17 -14.16
C GLU A 137 10.58 25.55 -12.80
N THR A 138 10.29 26.77 -12.31
CA THR A 138 10.75 27.12 -10.97
C THR A 138 9.99 26.30 -9.91
N GLN A 139 8.68 26.09 -10.14
CA GLN A 139 7.88 25.33 -9.19
C GLN A 139 8.37 23.89 -9.17
N VAL A 140 8.64 23.35 -10.35
CA VAL A 140 9.21 22.00 -10.36
C VAL A 140 10.53 21.97 -9.57
N ALA A 141 11.47 22.91 -9.86
CA ALA A 141 12.76 22.88 -9.19
C ALA A 141 12.63 23.02 -7.67
N GLU A 142 11.69 23.84 -7.20
CA GLU A 142 11.57 24.06 -5.77
C GLU A 142 10.86 22.90 -5.07
N LEU A 143 9.74 22.41 -5.63
CA LEU A 143 8.93 21.42 -4.93
C LEU A 143 9.58 20.05 -5.10
N ILE A 144 10.01 19.71 -6.30
CA ILE A 144 10.65 18.41 -6.47
C ILE A 144 12.09 18.48 -5.94
N GLY A 145 12.80 19.61 -6.16
CA GLY A 145 14.14 19.70 -5.56
C GLY A 145 14.18 19.53 -4.04
N THR A 146 13.40 20.33 -3.32
CA THR A 146 13.49 20.30 -1.87
C THR A 146 12.99 19.00 -1.32
N ASN A 147 11.90 18.47 -1.91
CA ASN A 147 11.26 17.31 -1.27
C ASN A 147 11.88 15.99 -1.71
N ALA A 148 12.59 15.98 -2.85
CA ALA A 148 13.03 14.71 -3.41
C ALA A 148 14.48 14.75 -3.89
N ILE A 149 14.87 15.69 -4.76
CA ILE A 149 16.20 15.58 -5.34
CA ILE A 149 16.20 15.62 -5.35
C ILE A 149 17.27 15.95 -4.31
N ALA A 150 17.02 16.98 -3.52
CA ALA A 150 18.00 17.30 -2.47
C ALA A 150 18.20 16.12 -1.50
N PRO A 151 17.12 15.46 -1.03
CA PRO A 151 17.36 14.25 -0.22
C PRO A 151 18.22 13.22 -0.92
N PHE A 152 18.00 13.01 -2.23
CA PHE A 152 18.75 11.99 -2.93
C PHE A 152 20.22 12.38 -2.95
N LEU A 153 20.49 13.67 -3.25
CA LEU A 153 21.89 14.09 -3.35
C LEU A 153 22.55 14.14 -1.96
N LEU A 154 21.78 14.53 -0.95
CA LEU A 154 22.32 14.48 0.42
C LEU A 154 22.60 13.05 0.86
N THR A 155 21.72 12.12 0.46
CA THR A 155 21.96 10.70 0.65
C THR A 155 23.24 10.22 -0.04
N MET A 156 23.43 10.56 -1.34
CA MET A 156 24.63 10.18 -2.07
CA MET A 156 24.63 10.16 -2.05
C MET A 156 25.88 10.69 -1.33
N SER A 157 25.84 11.99 -0.96
CA SER A 157 27.00 12.59 -0.27
C SER A 157 27.27 11.97 1.08
N PHE A 158 26.20 11.72 1.85
CA PHE A 158 26.32 11.06 3.15
C PHE A 158 26.99 9.69 2.98
N ALA A 159 26.54 8.92 2.00
CA ALA A 159 27.04 7.56 1.88
C ALA A 159 28.48 7.57 1.40
N GLN A 160 28.77 8.48 0.44
CA GLN A 160 30.08 8.46 -0.20
C GLN A 160 31.13 8.86 0.84
N ARG A 161 30.77 9.77 1.76
CA ARG A 161 31.75 10.27 2.74
C ARG A 161 32.00 9.30 3.89
N GLN A 162 31.27 8.18 3.98
CA GLN A 162 31.46 7.19 5.02
C GLN A 162 32.65 6.30 4.63
N SER A 172 29.12 3.59 14.58
CA SER A 172 28.56 2.34 13.98
C SER A 172 27.03 2.27 14.11
N ASN A 173 26.33 3.41 14.14
CA ASN A 173 24.88 3.40 13.97
C ASN A 173 24.52 4.53 13.00
N LEU A 174 24.79 4.28 11.71
CA LEU A 174 24.54 5.30 10.71
C LEU A 174 23.08 5.18 10.24
N SER A 175 22.44 6.35 10.08
CA SER A 175 21.09 6.26 9.57
C SER A 175 20.58 7.57 9.00
N ILE A 176 19.58 7.43 8.12
CA ILE A 176 18.97 8.55 7.43
C ILE A 176 17.49 8.49 7.75
N VAL A 177 16.88 9.63 8.04
CA VAL A 177 15.43 9.70 8.30
C VAL A 177 14.84 10.77 7.39
N ASN A 178 13.88 10.38 6.52
CA ASN A 178 13.23 11.30 5.60
C ASN A 178 11.87 11.68 6.16
N LEU A 179 11.50 12.97 6.14
CA LEU A 179 10.20 13.38 6.63
C LEU A 179 9.24 13.35 5.43
N CYS A 180 8.32 12.41 5.51
CA CYS A 180 7.42 12.02 4.43
C CYS A 180 6.08 12.68 4.72
N ASP A 181 4.95 12.14 4.25
CA ASP A 181 3.64 12.77 4.45
C ASP A 181 2.61 11.63 4.59
N ALA A 182 1.90 11.56 5.74
CA ALA A 182 0.98 10.45 5.96
C ALA A 182 -0.20 10.52 4.96
N MET A 183 -0.40 11.70 4.38
CA MET A 183 -1.57 11.89 3.52
C MET A 183 -1.23 11.79 2.03
N VAL A 184 -0.15 11.08 1.69
CA VAL A 184 0.37 11.08 0.33
C VAL A 184 -0.61 10.37 -0.63
N ASP A 185 -1.43 9.45 -0.09
CA ASP A 185 -2.38 8.76 -0.96
C ASP A 185 -3.78 9.36 -0.89
N GLN A 186 -3.96 10.44 -0.12
CA GLN A 186 -5.23 11.13 -0.06
C GLN A 186 -4.90 12.60 -0.15
N PRO A 187 -4.43 13.04 -1.32
CA PRO A 187 -3.69 14.31 -1.37
C PRO A 187 -4.60 15.55 -1.32
N CYS A 188 -4.00 16.68 -0.96
CA CYS A 188 -4.78 17.92 -1.05
C CYS A 188 -4.93 18.30 -2.51
N MET A 189 -6.12 18.80 -2.88
CA MET A 189 -6.37 19.11 -4.28
C MET A 189 -5.49 20.31 -4.66
N ALA A 190 -4.94 20.23 -5.88
CA ALA A 190 -4.12 21.30 -6.47
C ALA A 190 -2.70 21.33 -5.93
N PHE A 191 -2.25 20.23 -5.35
CA PHE A 191 -0.89 20.10 -4.82
C PHE A 191 -0.12 18.99 -5.53
N SER A 192 -0.32 18.86 -6.84
CA SER A 192 0.30 17.79 -7.64
C SER A 192 1.80 17.71 -7.40
N LEU A 193 2.52 18.84 -7.64
CA LEU A 193 3.97 18.74 -7.61
C LEU A 193 4.49 18.40 -6.22
N TYR A 194 3.94 19.02 -5.17
CA TYR A 194 4.30 18.61 -3.83
C TYR A 194 4.06 17.11 -3.60
N ASN A 195 2.90 16.61 -4.09
N ASN A 195 2.91 16.58 -4.04
CA ASN A 195 2.53 15.22 -3.83
CA ASN A 195 2.63 15.18 -3.73
C ASN A 195 3.51 14.29 -4.56
C ASN A 195 3.50 14.25 -4.57
N MET A 196 3.89 14.71 -5.76
CA MET A 196 4.81 13.95 -6.58
C MET A 196 6.16 13.90 -5.84
N GLY A 197 6.60 15.02 -5.28
CA GLY A 197 7.89 15.06 -4.57
C GLY A 197 7.82 14.13 -3.36
N LYS A 198 6.74 14.21 -2.56
CA LYS A 198 6.66 13.31 -1.40
C LYS A 198 6.60 11.82 -1.79
N HIS A 199 5.87 11.48 -2.87
CA HIS A 199 5.89 10.08 -3.34
C HIS A 199 7.31 9.68 -3.76
N ALA A 200 8.04 10.62 -4.42
CA ALA A 200 9.39 10.24 -4.84
C ALA A 200 10.27 10.02 -3.61
N LEU A 201 10.01 10.75 -2.52
CA LEU A 201 10.79 10.60 -1.31
C LEU A 201 10.55 9.19 -0.66
N VAL A 202 9.33 8.63 -0.81
CA VAL A 202 9.06 7.24 -0.36
C VAL A 202 9.94 6.31 -1.20
N GLY A 203 9.92 6.56 -2.53
CA GLY A 203 10.76 5.77 -3.45
C GLY A 203 12.22 5.76 -3.00
N LEU A 204 12.74 6.99 -2.75
CA LEU A 204 14.11 7.13 -2.28
C LEU A 204 14.34 6.33 -0.98
N THR A 205 13.43 6.50 0.00
CA THR A 205 13.56 5.80 1.31
C THR A 205 13.74 4.28 1.05
N GLN A 206 12.90 3.69 0.18
CA GLN A 206 13.00 2.26 -0.10
C GLN A 206 14.27 1.92 -0.87
N SER A 207 14.52 2.67 -1.99
CA SER A 207 15.69 2.35 -2.82
C SER A 207 16.99 2.50 -2.01
N ALA A 208 17.13 3.59 -1.27
CA ALA A 208 18.36 3.78 -0.48
C ALA A 208 18.48 2.75 0.64
N ALA A 209 17.34 2.35 1.27
CA ALA A 209 17.41 1.37 2.32
C ALA A 209 18.04 0.10 1.73
N LEU A 210 17.55 -0.30 0.56
CA LEU A 210 18.08 -1.53 -0.05
C LEU A 210 19.56 -1.39 -0.43
N GLU A 211 19.92 -0.28 -1.09
CA GLU A 211 21.26 -0.12 -1.62
C GLU A 211 22.31 0.13 -0.51
N LEU A 212 21.94 0.84 0.55
CA LEU A 212 22.91 1.19 1.58
C LEU A 212 22.98 0.18 2.74
N ALA A 213 22.07 -0.80 2.78
CA ALA A 213 22.09 -1.77 3.87
C ALA A 213 23.44 -2.51 4.01
N PRO A 214 24.09 -2.91 2.91
CA PRO A 214 25.40 -3.57 3.01
C PRO A 214 26.49 -2.65 3.57
N TYR A 215 26.26 -1.32 3.59
CA TYR A 215 27.21 -0.43 4.24
C TYR A 215 26.81 -0.12 5.69
N GLY A 216 25.77 -0.78 6.20
CA GLY A 216 25.33 -0.56 7.57
C GLY A 216 24.58 0.77 7.74
N ILE A 217 24.06 1.33 6.63
CA ILE A 217 23.32 2.58 6.79
C ILE A 217 21.83 2.24 6.68
N ARG A 218 21.04 2.63 7.69
CA ARG A 218 19.61 2.34 7.65
C ARG A 218 18.91 3.59 7.14
N VAL A 219 17.83 3.39 6.39
CA VAL A 219 17.11 4.53 5.88
C VAL A 219 15.62 4.32 6.16
N ASN A 220 15.00 5.31 6.82
CA ASN A 220 13.62 5.16 7.28
C ASN A 220 12.93 6.51 7.10
N GLY A 221 11.61 6.48 7.23
CA GLY A 221 10.84 7.72 7.18
C GLY A 221 9.96 7.94 8.38
N VAL A 222 9.55 9.19 8.59
CA VAL A 222 8.51 9.55 9.54
C VAL A 222 7.52 10.36 8.74
N ALA A 223 6.23 10.05 8.87
CA ALA A 223 5.19 10.64 8.02
C ALA A 223 4.15 11.32 8.88
N PRO A 224 4.29 12.64 9.14
CA PRO A 224 3.29 13.38 9.96
C PRO A 224 1.98 13.46 9.19
N GLY A 225 0.85 13.61 9.92
CA GLY A 225 -0.41 13.94 9.27
C GLY A 225 -0.61 15.46 9.33
N VAL A 226 -1.33 15.93 10.34
CA VAL A 226 -1.30 17.36 10.59
C VAL A 226 -0.50 17.53 11.88
N SER A 227 0.60 18.27 11.75
CA SER A 227 1.40 18.63 12.89
C SER A 227 1.29 20.17 12.92
N LEU A 228 2.39 20.88 13.12
CA LEU A 228 2.28 22.34 13.20
C LEU A 228 1.71 22.90 11.91
N LEU A 229 0.61 23.67 12.03
CA LEU A 229 -0.13 24.10 10.87
C LEU A 229 0.64 25.27 10.21
N PRO A 230 0.40 25.59 8.92
CA PRO A 230 1.10 26.69 8.26
C PRO A 230 0.81 28.01 8.98
N VAL A 231 1.87 28.84 9.18
CA VAL A 231 1.78 30.15 9.80
C VAL A 231 0.74 31.03 9.08
N ALA A 232 0.60 30.84 7.76
CA ALA A 232 -0.28 31.61 6.88
C ALA A 232 -1.76 31.26 7.09
N MET A 233 -2.03 30.05 7.59
CA MET A 233 -3.40 29.55 7.56
C MET A 233 -4.23 30.25 8.64
N GLY A 234 -5.47 30.64 8.30
CA GLY A 234 -6.39 31.24 9.27
C GLY A 234 -6.86 30.26 10.35
N GLU A 235 -7.40 30.81 11.46
CA GLU A 235 -7.77 30.03 12.64
C GLU A 235 -8.90 29.05 12.34
N GLU A 236 -9.87 29.45 11.49
CA GLU A 236 -11.02 28.60 11.23
C GLU A 236 -10.58 27.36 10.44
N GLU A 237 -9.68 27.56 9.45
CA GLU A 237 -9.13 26.46 8.67
C GLU A 237 -8.28 25.56 9.56
N LYS A 238 -7.47 26.14 10.48
CA LYS A 238 -6.70 25.32 11.39
C LYS A 238 -7.63 24.41 12.21
N ASP A 239 -8.77 24.98 12.66
CA ASP A 239 -9.67 24.23 13.51
C ASP A 239 -10.38 23.14 12.70
N LYS A 240 -10.60 23.40 11.40
CA LYS A 240 -11.22 22.40 10.51
C LYS A 240 -10.31 21.16 10.47
N TRP A 241 -9.01 21.40 10.30
CA TRP A 241 -8.07 20.28 10.26
C TRP A 241 -8.00 19.55 11.59
N ARG A 242 -7.98 20.32 12.67
CA ARG A 242 -7.80 19.70 13.98
C ARG A 242 -8.97 18.77 14.29
N ARG A 243 -10.16 19.15 13.82
CA ARG A 243 -11.34 18.37 14.19
C ARG A 243 -11.46 17.04 13.44
N LYS A 244 -10.63 16.84 12.42
CA LYS A 244 -10.64 15.60 11.64
C LYS A 244 -9.76 14.52 12.29
N VAL A 245 -8.94 14.90 13.27
CA VAL A 245 -7.95 13.95 13.79
C VAL A 245 -8.61 13.08 14.85
N PRO A 246 -8.71 11.73 14.66
CA PRO A 246 -9.36 10.86 15.65
C PRO A 246 -8.78 10.96 17.06
N LEU A 247 -7.45 10.91 17.17
CA LEU A 247 -6.83 10.84 18.46
C LEU A 247 -6.63 12.25 19.01
N GLY A 248 -7.66 12.77 19.66
CA GLY A 248 -7.53 13.99 20.47
C GLY A 248 -8.03 15.24 19.76
N ARG A 249 -8.39 15.11 18.46
CA ARG A 249 -8.88 16.27 17.72
C ARG A 249 -7.88 17.43 17.78
N ARG A 250 -6.59 17.11 17.59
CA ARG A 250 -5.57 18.15 17.65
C ARG A 250 -4.40 17.71 16.77
N GLU A 251 -3.58 18.70 16.32
CA GLU A 251 -2.38 18.45 15.53
C GLU A 251 -1.27 17.86 16.42
N ALA A 252 -0.33 17.14 15.79
CA ALA A 252 0.84 16.71 16.53
C ALA A 252 1.71 17.93 16.89
N SER A 253 2.26 17.90 18.10
CA SER A 253 3.35 18.81 18.41
C SER A 253 4.59 18.45 17.58
N ALA A 254 5.47 19.45 17.33
CA ALA A 254 6.73 19.12 16.69
C ALA A 254 7.49 18.08 17.50
N GLU A 255 7.38 18.12 18.85
CA GLU A 255 8.16 17.21 19.66
C GLU A 255 7.68 15.76 19.45
N GLN A 256 6.38 15.61 19.17
CA GLN A 256 5.82 14.27 18.91
C GLN A 256 6.39 13.69 17.63
N ILE A 257 6.62 14.55 16.64
CA ILE A 257 7.27 14.07 15.39
C ILE A 257 8.73 13.72 15.69
N ALA A 258 9.40 14.59 16.46
CA ALA A 258 10.82 14.38 16.74
C ALA A 258 11.04 13.07 17.48
N ASP A 259 10.12 12.74 18.42
CA ASP A 259 10.21 11.50 19.15
C ASP A 259 10.32 10.28 18.20
N ALA A 260 9.58 10.26 17.07
CA ALA A 260 9.67 9.12 16.17
C ALA A 260 11.02 9.11 15.43
N VAL A 261 11.53 10.31 15.09
CA VAL A 261 12.84 10.39 14.50
C VAL A 261 13.90 9.85 15.47
N ILE A 262 13.83 10.26 16.74
CA ILE A 262 14.75 9.75 17.75
C ILE A 262 14.75 8.22 17.86
N PHE A 263 13.57 7.63 17.85
CA PHE A 263 13.49 6.19 17.88
C PHE A 263 14.23 5.61 16.68
N LEU A 264 13.98 6.12 15.46
CA LEU A 264 14.54 5.50 14.27
C LEU A 264 16.06 5.63 14.20
N VAL A 265 16.61 6.69 14.83
CA VAL A 265 18.09 6.76 14.86
C VAL A 265 18.74 5.99 16.00
N SER A 266 17.91 5.52 16.97
CA SER A 266 18.37 4.87 18.20
C SER A 266 18.86 3.43 17.98
N GLY A 267 19.57 2.88 18.98
CA GLY A 267 19.91 1.45 19.04
C GLY A 267 18.69 0.53 19.13
N SER A 268 17.52 1.07 19.47
CA SER A 268 16.28 0.28 19.56
C SER A 268 15.67 0.03 18.19
N ALA A 269 16.28 0.61 17.13
CA ALA A 269 15.76 0.47 15.76
C ALA A 269 16.79 -0.15 14.83
N GLN A 270 17.76 -0.91 15.36
CA GLN A 270 18.86 -1.39 14.56
C GLN A 270 18.53 -2.41 13.51
N TYR A 271 17.33 -3.05 13.58
CA TYR A 271 16.89 -3.94 12.51
C TYR A 271 15.84 -3.32 11.58
N ILE A 272 15.56 -2.02 11.77
CA ILE A 272 14.50 -1.38 10.98
C ILE A 272 15.17 -0.62 9.83
N THR A 273 14.84 -0.96 8.59
CA THR A 273 15.25 -0.10 7.50
C THR A 273 14.14 -0.21 6.45
N GLY A 274 13.97 0.84 5.67
CA GLY A 274 12.96 0.92 4.63
C GLY A 274 11.55 1.17 5.20
N SER A 275 11.38 1.49 6.49
CA SER A 275 10.07 1.58 7.12
C SER A 275 9.67 3.04 7.22
N ILE A 276 8.38 3.33 7.03
CA ILE A 276 7.92 4.69 7.26
C ILE A 276 6.89 4.68 8.38
N ILE A 277 7.16 5.42 9.46
CA ILE A 277 6.30 5.41 10.64
C ILE A 277 5.33 6.58 10.48
N LYS A 278 4.01 6.33 10.42
CA LYS A 278 3.03 7.41 10.39
C LYS A 278 2.92 7.90 11.82
N VAL A 279 2.87 9.23 11.95
CA VAL A 279 2.64 9.85 13.24
C VAL A 279 1.49 10.83 12.98
N ASP A 280 0.27 10.31 12.94
CA ASP A 280 -0.80 11.12 12.36
C ASP A 280 -2.10 11.06 13.16
N GLY A 281 -2.07 10.52 14.38
CA GLY A 281 -3.24 10.40 15.25
C GLY A 281 -4.46 9.75 14.56
N GLY A 282 -4.20 8.89 13.56
CA GLY A 282 -5.27 8.20 12.89
C GLY A 282 -5.85 8.94 11.69
N LEU A 283 -5.31 10.11 11.32
CA LEU A 283 -5.99 10.95 10.30
C LEU A 283 -6.07 10.20 8.97
N SER A 284 -5.03 9.41 8.62
CA SER A 284 -5.07 8.77 7.32
C SER A 284 -6.11 7.66 7.24
N LEU A 285 -6.68 7.25 8.39
CA LEU A 285 -7.64 6.16 8.36
C LEU A 285 -9.06 6.71 8.16
N VAL A 286 -9.23 8.04 8.13
CA VAL A 286 -10.59 8.65 8.13
C VAL A 286 -11.07 8.77 6.69
N HIS A 287 -12.24 8.20 6.37
CA HIS A 287 -12.76 8.31 4.99
C HIS A 287 -13.34 9.72 4.77
N ALA A 288 -13.61 10.03 3.48
CA ALA A 288 -14.20 11.30 3.03
C ALA A 288 -15.47 11.65 3.81
N GLU B 22 -18.32 -25.71 -26.67
CA GLU B 22 -19.42 -25.40 -25.71
C GLU B 22 -19.11 -24.04 -25.08
N ALA B 23 -20.16 -23.40 -24.54
CA ALA B 23 -20.03 -22.12 -23.88
C ALA B 23 -19.33 -22.36 -22.53
N PRO B 24 -18.52 -21.40 -22.04
CA PRO B 24 -17.93 -21.55 -20.71
C PRO B 24 -19.02 -21.36 -19.66
N ALA B 25 -18.69 -21.67 -18.39
CA ALA B 25 -19.70 -21.57 -17.35
C ALA B 25 -19.12 -20.82 -16.15
N ALA B 26 -19.99 -20.06 -15.48
CA ALA B 26 -19.50 -19.30 -14.32
C ALA B 26 -20.40 -19.58 -13.11
N VAL B 27 -19.85 -19.49 -11.89
CA VAL B 27 -20.64 -19.42 -10.66
C VAL B 27 -20.55 -17.97 -10.15
N VAL B 28 -21.68 -17.31 -9.88
CA VAL B 28 -21.68 -16.03 -9.16
C VAL B 28 -22.39 -16.21 -7.82
N THR B 29 -21.70 -15.92 -6.68
CA THR B 29 -22.40 -16.06 -5.40
C THR B 29 -23.21 -14.79 -5.13
N GLY B 30 -24.31 -14.95 -4.43
CA GLY B 30 -25.15 -13.82 -4.09
C GLY B 30 -25.69 -13.12 -5.33
N ALA B 31 -26.12 -13.89 -6.33
CA ALA B 31 -26.35 -13.36 -7.67
C ALA B 31 -27.83 -13.00 -7.92
N ALA B 32 -28.69 -13.08 -6.89
CA ALA B 32 -30.12 -12.88 -7.16
C ALA B 32 -30.45 -11.42 -7.47
N LYS B 33 -29.71 -10.49 -6.89
CA LYS B 33 -30.11 -9.08 -6.94
C LYS B 33 -28.83 -8.26 -7.06
N ARG B 34 -29.01 -6.98 -7.34
CA ARG B 34 -27.98 -5.98 -7.10
C ARG B 34 -26.74 -6.29 -7.93
N ILE B 35 -25.55 -6.15 -7.32
CA ILE B 35 -24.34 -6.28 -8.14
C ILE B 35 -24.17 -7.71 -8.63
N GLY B 36 -24.50 -8.69 -7.80
CA GLY B 36 -24.27 -10.05 -8.27
C GLY B 36 -25.17 -10.40 -9.48
N ARG B 37 -26.37 -9.82 -9.51
CA ARG B 37 -27.26 -10.06 -10.65
C ARG B 37 -26.65 -9.38 -11.87
N ALA B 38 -26.16 -8.17 -11.67
CA ALA B 38 -25.61 -7.47 -12.81
C ALA B 38 -24.44 -8.25 -13.40
N ILE B 39 -23.55 -8.81 -12.56
CA ILE B 39 -22.43 -9.66 -13.00
C ILE B 39 -22.94 -10.89 -13.77
N ALA B 40 -23.90 -11.61 -13.15
CA ALA B 40 -24.44 -12.78 -13.85
C ALA B 40 -25.07 -12.39 -15.19
N VAL B 41 -25.81 -11.29 -15.26
CA VAL B 41 -26.43 -10.89 -16.52
C VAL B 41 -25.34 -10.58 -17.55
N LYS B 42 -24.32 -9.80 -17.15
CA LYS B 42 -23.30 -9.43 -18.11
C LYS B 42 -22.50 -10.66 -18.52
N LEU B 43 -22.23 -11.63 -17.61
CA LEU B 43 -21.49 -12.81 -18.05
C LEU B 43 -22.39 -13.59 -19.06
N HIS B 44 -23.70 -13.61 -18.77
CA HIS B 44 -24.59 -14.35 -19.66
C HIS B 44 -24.58 -13.68 -21.05
N GLN B 45 -24.63 -12.35 -21.06
CA GLN B 45 -24.62 -11.60 -22.33
C GLN B 45 -23.32 -11.82 -23.11
N THR B 46 -22.23 -12.10 -22.41
CA THR B 46 -20.92 -12.39 -22.99
C THR B 46 -20.86 -13.83 -23.52
N GLY B 47 -21.80 -14.69 -23.14
CA GLY B 47 -21.87 -16.04 -23.68
C GLY B 47 -21.68 -17.13 -22.63
N TYR B 48 -21.59 -16.74 -21.33
CA TYR B 48 -21.42 -17.76 -20.31
C TYR B 48 -22.77 -18.36 -19.95
N ARG B 49 -22.71 -19.60 -19.51
CA ARG B 49 -23.75 -20.28 -18.72
C ARG B 49 -23.43 -19.98 -17.26
N VAL B 50 -24.48 -19.71 -16.47
CA VAL B 50 -24.26 -19.22 -15.11
C VAL B 50 -25.02 -20.07 -14.07
N VAL B 51 -24.40 -20.24 -12.89
CA VAL B 51 -25.07 -20.70 -11.69
C VAL B 51 -25.34 -19.48 -10.83
N ILE B 52 -26.61 -19.24 -10.55
CA ILE B 52 -27.03 -18.13 -9.72
CA ILE B 52 -27.05 -18.14 -9.72
C ILE B 52 -27.15 -18.64 -8.28
N HIS B 53 -26.10 -18.37 -7.45
CA HIS B 53 -26.15 -18.78 -6.06
C HIS B 53 -27.05 -17.77 -5.35
N TYR B 54 -27.83 -18.26 -4.36
CA TYR B 54 -28.56 -17.33 -3.52
C TYR B 54 -28.69 -17.97 -2.13
N HIS B 55 -29.11 -17.17 -1.15
CA HIS B 55 -29.29 -17.67 0.20
C HIS B 55 -30.78 -17.56 0.55
N ASN B 56 -31.28 -16.35 0.77
CA ASN B 56 -32.67 -16.09 1.09
C ASN B 56 -33.50 -15.68 -0.13
N SER B 57 -32.88 -15.21 -1.23
CA SER B 57 -33.62 -14.51 -2.29
C SER B 57 -34.09 -15.48 -3.38
N ALA B 58 -34.94 -16.45 -2.99
CA ALA B 58 -35.31 -17.56 -3.85
C ALA B 58 -36.15 -17.06 -5.03
N GLU B 59 -37.11 -16.16 -4.76
CA GLU B 59 -38.02 -15.68 -5.80
C GLU B 59 -37.20 -14.92 -6.84
N ALA B 60 -36.34 -14.00 -6.38
CA ALA B 60 -35.46 -13.22 -7.24
C ALA B 60 -34.53 -14.13 -8.06
N ALA B 61 -33.97 -15.17 -7.45
CA ALA B 61 -33.03 -16.03 -8.15
C ALA B 61 -33.72 -16.78 -9.29
N VAL B 62 -34.84 -17.38 -8.95
CA VAL B 62 -35.59 -18.16 -9.93
C VAL B 62 -36.08 -17.26 -11.06
N SER B 63 -36.52 -16.04 -10.73
CA SER B 63 -36.97 -15.08 -11.72
C SER B 63 -35.83 -14.69 -12.68
N LEU B 64 -34.63 -14.46 -12.12
CA LEU B 64 -33.50 -14.14 -12.99
C LEU B 64 -33.16 -15.34 -13.88
N ALA B 65 -33.11 -16.54 -13.31
CA ALA B 65 -32.72 -17.69 -14.11
C ALA B 65 -33.73 -17.92 -15.25
N ASP B 66 -35.00 -17.75 -14.94
CA ASP B 66 -36.03 -17.84 -15.98
C ASP B 66 -35.77 -16.83 -17.11
N GLU B 67 -35.48 -15.56 -16.76
CA GLU B 67 -35.20 -14.52 -17.74
C GLU B 67 -34.07 -14.95 -18.66
N LEU B 68 -32.97 -15.52 -18.10
CA LEU B 68 -31.79 -15.88 -18.88
C LEU B 68 -32.07 -17.11 -19.73
N ASN B 69 -32.83 -18.07 -19.21
CA ASN B 69 -33.14 -19.28 -19.95
C ASN B 69 -34.07 -18.96 -21.13
N LYS B 70 -34.87 -17.91 -20.97
CA LYS B 70 -35.77 -17.49 -22.06
C LYS B 70 -34.95 -16.84 -23.18
N GLU B 71 -33.81 -16.22 -22.82
CA GLU B 71 -32.95 -15.62 -23.83
C GLU B 71 -32.16 -16.73 -24.54
N ARG B 72 -31.67 -17.72 -23.80
CA ARG B 72 -31.00 -18.89 -24.35
C ARG B 72 -31.30 -20.10 -23.47
N SER B 73 -31.92 -21.13 -24.03
CA SER B 73 -32.36 -22.30 -23.28
CA SER B 73 -32.36 -22.28 -23.24
C SER B 73 -31.19 -23.01 -22.59
N ASN B 74 -31.42 -23.46 -21.33
CA ASN B 74 -30.50 -24.28 -20.56
C ASN B 74 -29.18 -23.54 -20.27
N THR B 75 -29.26 -22.25 -19.95
CA THR B 75 -27.99 -21.59 -19.71
C THR B 75 -27.90 -20.96 -18.31
N ALA B 76 -28.91 -21.14 -17.46
CA ALA B 76 -28.87 -20.61 -16.11
C ALA B 76 -29.51 -21.63 -15.18
N VAL B 77 -28.85 -21.96 -14.05
CA VAL B 77 -29.49 -22.69 -12.95
C VAL B 77 -29.31 -21.92 -11.65
N VAL B 78 -30.12 -22.23 -10.63
CA VAL B 78 -29.92 -21.61 -9.31
C VAL B 78 -29.26 -22.62 -8.38
N CYS B 79 -28.67 -22.15 -7.24
CA CYS B 79 -28.10 -23.06 -6.27
C CYS B 79 -28.20 -22.35 -4.91
N GLN B 80 -28.96 -22.91 -3.95
CA GLN B 80 -29.13 -22.29 -2.65
C GLN B 80 -28.01 -22.73 -1.69
N ALA B 81 -27.47 -21.78 -0.89
CA ALA B 81 -26.52 -22.11 0.15
C ALA B 81 -26.35 -20.93 1.11
N ASP B 82 -26.32 -21.24 2.42
CA ASP B 82 -25.89 -20.31 3.42
C ASP B 82 -24.36 -20.35 3.46
N LEU B 83 -23.70 -19.17 3.35
CA LEU B 83 -22.25 -19.15 3.35
C LEU B 83 -21.68 -18.68 4.68
N THR B 84 -22.49 -18.75 5.75
CA THR B 84 -22.01 -18.49 7.13
C THR B 84 -21.01 -19.60 7.47
N ASN B 85 -19.97 -19.28 8.24
CA ASN B 85 -18.99 -20.34 8.51
C ASN B 85 -19.62 -21.33 9.51
N SER B 86 -19.29 -22.60 9.31
CA SER B 86 -19.74 -23.68 10.20
C SER B 86 -18.93 -24.90 9.80
N ASN B 87 -19.13 -26.01 10.52
CA ASN B 87 -18.40 -27.22 10.14
C ASN B 87 -18.92 -27.83 8.84
N VAL B 88 -20.06 -27.40 8.32
CA VAL B 88 -20.58 -27.88 7.02
C VAL B 88 -20.33 -26.89 5.88
N LEU B 89 -19.77 -25.71 6.19
CA LEU B 89 -19.49 -24.80 5.07
C LEU B 89 -18.60 -25.46 4.00
N PRO B 90 -17.52 -26.22 4.28
CA PRO B 90 -16.76 -26.84 3.19
C PRO B 90 -17.62 -27.69 2.24
N ALA B 91 -18.57 -28.42 2.80
CA ALA B 91 -19.42 -29.22 1.93
C ALA B 91 -20.34 -28.35 1.09
N SER B 92 -20.90 -27.27 1.66
CA SER B 92 -21.73 -26.35 0.93
C SER B 92 -20.99 -25.70 -0.25
N CYS B 93 -19.72 -25.31 0.00
CA CYS B 93 -18.89 -24.71 -1.05
C CYS B 93 -18.57 -25.74 -2.14
N GLU B 94 -18.21 -26.97 -1.73
CA GLU B 94 -18.05 -28.05 -2.68
C GLU B 94 -19.31 -28.20 -3.55
N GLU B 95 -20.47 -28.15 -2.89
CA GLU B 95 -21.71 -28.38 -3.61
C GLU B 95 -21.99 -27.30 -4.66
N ILE B 96 -21.72 -26.02 -4.30
CA ILE B 96 -21.94 -24.95 -5.27
C ILE B 96 -21.12 -25.22 -6.53
N ILE B 97 -19.84 -25.55 -6.36
CA ILE B 97 -18.98 -25.80 -7.52
C ILE B 97 -19.53 -27.02 -8.25
N ASN B 98 -19.88 -28.08 -7.50
CA ASN B 98 -20.41 -29.27 -8.17
C ASN B 98 -21.70 -28.97 -8.92
N SER B 99 -22.51 -27.98 -8.49
CA SER B 99 -23.73 -27.65 -9.21
CA SER B 99 -23.72 -27.65 -9.22
C SER B 99 -23.39 -27.14 -10.61
N CYS B 100 -22.24 -26.47 -10.76
CA CYS B 100 -21.89 -25.95 -12.06
C CYS B 100 -21.47 -27.13 -12.95
N PHE B 101 -20.61 -28.03 -12.47
CA PHE B 101 -20.24 -29.21 -13.24
C PHE B 101 -21.43 -30.11 -13.57
N ARG B 102 -22.43 -30.20 -12.67
CA ARG B 102 -23.60 -31.04 -12.93
C ARG B 102 -24.44 -30.44 -14.06
N ALA B 103 -24.67 -29.11 -14.03
CA ALA B 103 -25.48 -28.43 -15.01
C ALA B 103 -24.75 -28.33 -16.35
N PHE B 104 -23.43 -28.03 -16.34
CA PHE B 104 -22.82 -27.51 -17.57
C PHE B 104 -21.57 -28.29 -17.98
N GLY B 105 -21.07 -29.20 -17.15
CA GLY B 105 -19.93 -30.02 -17.54
C GLY B 105 -18.57 -29.37 -17.31
N ARG B 106 -18.55 -28.16 -16.72
CA ARG B 106 -17.30 -27.41 -16.62
C ARG B 106 -17.57 -26.22 -15.70
N CYS B 107 -16.49 -25.61 -15.20
CA CYS B 107 -16.65 -24.39 -14.42
C CYS B 107 -15.37 -23.58 -14.65
N ASP B 108 -15.56 -22.52 -15.42
CA ASP B 108 -14.45 -21.69 -15.89
C ASP B 108 -14.15 -20.50 -14.96
N VAL B 109 -15.21 -19.91 -14.42
CA VAL B 109 -15.09 -18.66 -13.64
C VAL B 109 -15.89 -18.80 -12.35
N LEU B 110 -15.30 -18.28 -11.24
CA LEU B 110 -15.96 -18.14 -9.96
C LEU B 110 -15.94 -16.66 -9.63
N VAL B 111 -17.08 -16.07 -9.29
CA VAL B 111 -17.13 -14.68 -8.80
C VAL B 111 -17.64 -14.74 -7.36
N ASN B 112 -16.77 -14.33 -6.42
CA ASN B 112 -17.16 -14.32 -5.02
C ASN B 112 -17.72 -12.94 -4.70
N ASN B 113 -19.04 -12.86 -4.77
CA ASN B 113 -19.76 -11.61 -4.62
C ASN B 113 -20.53 -11.58 -3.30
N ALA B 114 -21.04 -12.71 -2.78
CA ALA B 114 -21.94 -12.66 -1.63
C ALA B 114 -21.22 -12.06 -0.42
N SER B 115 -21.96 -11.30 0.38
CA SER B 115 -21.32 -10.66 1.48
C SER B 115 -22.35 -10.23 2.51
N ALA B 116 -22.06 -10.48 3.80
CA ALA B 116 -22.85 -9.84 4.86
C ALA B 116 -22.21 -8.53 5.33
N PHE B 117 -23.03 -7.58 5.84
CA PHE B 117 -22.49 -6.30 6.21
C PHE B 117 -23.40 -5.71 7.27
N TYR B 118 -22.88 -5.50 8.49
CA TYR B 118 -23.62 -4.84 9.55
C TYR B 118 -22.60 -4.53 10.63
N PRO B 119 -22.91 -3.53 11.46
CA PRO B 119 -21.97 -3.08 12.49
C PRO B 119 -21.76 -4.10 13.61
N THR B 120 -20.53 -4.08 14.12
CA THR B 120 -20.03 -4.91 15.20
C THR B 120 -19.20 -4.02 16.11
N PRO B 121 -19.85 -3.10 16.88
CA PRO B 121 -19.07 -2.15 17.69
C PRO B 121 -18.19 -2.84 18.74
N LEU B 122 -17.00 -2.26 18.99
CA LEU B 122 -16.07 -2.88 19.93
C LEU B 122 -16.48 -2.55 21.36
N VAL B 123 -17.22 -1.45 21.53
CA VAL B 123 -17.71 -1.14 22.89
C VAL B 123 -19.23 -1.02 22.90
N LYS B 134 -27.81 -11.16 17.95
CA LYS B 134 -26.92 -12.28 17.57
C LYS B 134 -25.74 -12.30 18.54
N THR B 135 -25.19 -13.48 18.80
CA THR B 135 -24.03 -13.56 19.65
C THR B 135 -22.82 -13.12 18.82
N VAL B 136 -21.76 -12.73 19.50
CA VAL B 136 -20.56 -12.30 18.78
C VAL B 136 -20.04 -13.46 17.90
N GLU B 137 -20.15 -14.72 18.36
CA GLU B 137 -19.60 -15.79 17.54
C GLU B 137 -20.48 -15.98 16.30
N THR B 138 -21.78 -15.67 16.39
CA THR B 138 -22.59 -15.72 15.19
C THR B 138 -22.13 -14.63 14.20
N GLN B 139 -21.89 -13.42 14.73
CA GLN B 139 -21.40 -12.30 13.91
C GLN B 139 -20.09 -12.66 13.23
N VAL B 140 -19.19 -13.26 13.97
CA VAL B 140 -17.94 -13.75 13.36
C VAL B 140 -18.21 -14.76 12.25
N ALA B 141 -19.07 -15.75 12.49
CA ALA B 141 -19.29 -16.77 11.47
C ALA B 141 -19.93 -16.13 10.22
N GLU B 142 -20.81 -15.13 10.39
CA GLU B 142 -21.49 -14.58 9.22
C GLU B 142 -20.59 -13.60 8.48
N LEU B 143 -19.91 -12.69 9.21
CA LEU B 143 -19.18 -11.64 8.48
C LEU B 143 -17.87 -12.23 7.97
N ILE B 144 -17.16 -13.02 8.77
CA ILE B 144 -15.90 -13.58 8.28
C ILE B 144 -16.21 -14.76 7.35
N GLY B 145 -17.28 -15.54 7.65
CA GLY B 145 -17.65 -16.64 6.75
C GLY B 145 -17.94 -16.17 5.32
N THR B 146 -18.88 -15.23 5.19
CA THR B 146 -19.36 -14.89 3.86
C THR B 146 -18.28 -14.08 3.14
N ASN B 147 -17.55 -13.23 3.88
CA ASN B 147 -16.63 -12.35 3.15
C ASN B 147 -15.28 -12.98 2.88
N ALA B 148 -14.92 -14.01 3.61
CA ALA B 148 -13.54 -14.53 3.53
C ALA B 148 -13.46 -16.06 3.50
N ILE B 149 -14.10 -16.76 4.47
CA ILE B 149 -13.87 -18.19 4.52
C ILE B 149 -14.59 -18.88 3.33
N ALA B 150 -15.82 -18.51 3.05
CA ALA B 150 -16.51 -19.17 1.91
C ALA B 150 -15.77 -18.87 0.60
N PRO B 151 -15.28 -17.64 0.33
CA PRO B 151 -14.40 -17.47 -0.85
C PRO B 151 -13.21 -18.42 -0.85
N PHE B 152 -12.63 -18.66 0.34
CA PHE B 152 -11.46 -19.56 0.41
C PHE B 152 -11.87 -20.98 0.03
N LEU B 153 -12.98 -21.46 0.61
CA LEU B 153 -13.35 -22.84 0.38
C LEU B 153 -13.86 -22.99 -1.05
N LEU B 154 -14.57 -21.97 -1.56
CA LEU B 154 -14.99 -22.10 -2.96
C LEU B 154 -13.78 -22.12 -3.87
N THR B 155 -12.74 -21.32 -3.52
CA THR B 155 -11.53 -21.30 -4.33
C THR B 155 -10.88 -22.68 -4.28
N MET B 156 -10.81 -23.29 -3.10
CA MET B 156 -10.25 -24.65 -2.98
C MET B 156 -11.03 -25.64 -3.87
N SER B 157 -12.38 -25.59 -3.78
CA SER B 157 -13.23 -26.51 -4.55
C SER B 157 -13.12 -26.27 -6.05
N PHE B 158 -13.07 -24.98 -6.45
CA PHE B 158 -12.95 -24.64 -7.88
C PHE B 158 -11.64 -25.22 -8.39
N ALA B 159 -10.56 -25.07 -7.64
CA ALA B 159 -9.25 -25.47 -8.14
C ALA B 159 -9.17 -26.99 -8.17
N GLN B 160 -9.74 -27.66 -7.15
CA GLN B 160 -9.63 -29.11 -7.00
CA GLN B 160 -9.51 -29.10 -7.09
C GLN B 160 -10.35 -29.80 -8.16
N ARG B 161 -11.48 -29.22 -8.54
CA ARG B 161 -12.32 -29.81 -9.60
C ARG B 161 -11.74 -29.60 -11.01
N GLN B 162 -10.65 -28.81 -11.18
CA GLN B 162 -10.04 -28.63 -12.49
C GLN B 162 -9.08 -29.79 -12.80
N SER B 172 -8.73 -22.75 -22.75
CA SER B 172 -9.00 -22.62 -21.29
C SER B 172 -8.64 -21.20 -20.82
N ASN B 173 -9.59 -20.56 -20.14
CA ASN B 173 -9.25 -19.28 -19.54
C ASN B 173 -9.93 -19.24 -18.17
N LEU B 174 -9.29 -19.87 -17.20
CA LEU B 174 -9.93 -20.03 -15.89
C LEU B 174 -9.59 -18.84 -14.97
N SER B 175 -10.60 -18.26 -14.31
CA SER B 175 -10.23 -17.21 -13.36
C SER B 175 -11.30 -17.08 -12.26
N ILE B 176 -10.85 -16.46 -11.15
CA ILE B 176 -11.67 -16.17 -9.99
C ILE B 176 -11.62 -14.66 -9.82
N VAL B 177 -12.79 -14.06 -9.51
CA VAL B 177 -12.83 -12.63 -9.22
C VAL B 177 -13.51 -12.44 -7.87
N ASN B 178 -12.82 -11.72 -6.96
CA ASN B 178 -13.37 -11.53 -5.61
C ASN B 178 -13.87 -10.09 -5.51
N LEU B 179 -15.03 -9.85 -4.93
CA LEU B 179 -15.54 -8.49 -4.79
C LEU B 179 -15.03 -7.96 -3.44
N CYS B 180 -14.11 -7.00 -3.55
CA CYS B 180 -13.38 -6.48 -2.41
C CYS B 180 -14.05 -5.15 -2.05
N ASP B 181 -13.31 -4.24 -1.43
CA ASP B 181 -13.90 -2.98 -0.95
C ASP B 181 -12.81 -1.91 -1.08
N ALA B 182 -13.05 -0.86 -1.84
CA ALA B 182 -12.03 0.17 -2.09
C ALA B 182 -11.70 0.97 -0.84
N MET B 183 -12.58 0.93 0.16
CA MET B 183 -12.37 1.73 1.35
C MET B 183 -11.85 0.90 2.52
N VAL B 184 -11.24 -0.26 2.23
CA VAL B 184 -10.73 -1.15 3.29
C VAL B 184 -9.77 -0.43 4.26
N ASP B 185 -8.94 0.47 3.75
CA ASP B 185 -7.94 1.16 4.55
C ASP B 185 -8.48 2.45 5.18
N GLN B 186 -9.72 2.83 4.87
CA GLN B 186 -10.36 4.00 5.47
C GLN B 186 -11.75 3.57 5.95
N PRO B 187 -11.82 2.67 6.94
CA PRO B 187 -13.06 1.92 7.18
C PRO B 187 -14.18 2.74 7.85
N CSX B 188 -15.43 2.27 7.69
CA CSX B 188 -16.56 2.81 8.44
CB CSX B 188 -17.87 2.19 7.90
SG CSX B 188 -18.31 3.10 6.39
C CSX B 188 -16.36 2.46 9.91
O CSX B 188 -16.03 1.32 10.27
OD CSX B 188 -19.42 4.04 6.82
N MET B 189 -16.63 3.43 10.80
CA MET B 189 -16.44 3.18 12.22
C MET B 189 -17.51 2.16 12.65
N ALA B 190 -17.12 1.27 13.57
CA ALA B 190 -17.93 0.21 14.19
C ALA B 190 -18.19 -0.96 13.24
N PHE B 191 -17.41 -1.08 12.15
CA PHE B 191 -17.55 -2.22 11.25
C PHE B 191 -16.30 -3.09 11.25
N SER B 192 -15.69 -3.36 12.41
CA SER B 192 -14.43 -4.10 12.50
CA SER B 192 -14.40 -4.04 12.38
C SER B 192 -14.50 -5.45 11.79
N LEU B 193 -15.54 -6.25 12.14
CA LEU B 193 -15.50 -7.61 11.61
C LEU B 193 -15.70 -7.64 10.10
N TYR B 194 -16.56 -6.77 9.57
CA TYR B 194 -16.68 -6.67 8.12
C TYR B 194 -15.34 -6.26 7.51
N ASN B 195 -14.63 -5.28 8.11
N ASN B 195 -14.64 -5.28 8.12
CA ASN B 195 -13.37 -4.79 7.53
CA ASN B 195 -13.41 -4.78 7.51
C ASN B 195 -12.34 -5.91 7.60
C ASN B 195 -12.29 -5.82 7.66
N MET B 196 -12.35 -6.64 8.73
CA MET B 196 -11.40 -7.75 8.87
C MET B 196 -11.62 -8.78 7.74
N GLY B 197 -12.89 -9.10 7.48
CA GLY B 197 -13.28 -10.04 6.41
C GLY B 197 -12.79 -9.55 5.05
N LYS B 198 -13.07 -8.29 4.76
CA LYS B 198 -12.63 -7.81 3.43
C LYS B 198 -11.09 -7.71 3.34
N HIS B 199 -10.37 -7.42 4.43
CA HIS B 199 -8.92 -7.52 4.37
C HIS B 199 -8.46 -8.93 4.15
N ALA B 200 -9.12 -9.90 4.81
CA ALA B 200 -8.72 -11.28 4.59
C ALA B 200 -8.96 -11.68 3.15
N LEU B 201 -9.98 -11.09 2.52
CA LEU B 201 -10.28 -11.42 1.12
C LEU B 201 -9.18 -10.85 0.20
N VAL B 202 -8.57 -9.70 0.55
CA VAL B 202 -7.39 -9.23 -0.20
C VAL B 202 -6.25 -10.25 -0.05
N GLY B 203 -6.03 -10.73 1.20
CA GLY B 203 -5.00 -11.76 1.40
C GLY B 203 -5.25 -12.98 0.52
N LEU B 204 -6.50 -13.50 0.57
CA LEU B 204 -6.86 -14.64 -0.25
C LEU B 204 -6.57 -14.37 -1.73
N THR B 205 -7.00 -13.21 -2.23
CA THR B 205 -6.75 -12.86 -3.63
C THR B 205 -5.26 -13.01 -4.02
N GLN B 206 -4.38 -12.48 -3.15
CA GLN B 206 -2.96 -12.50 -3.43
C GLN B 206 -2.38 -13.90 -3.23
N SER B 207 -2.73 -14.57 -2.12
CA SER B 207 -2.20 -15.90 -1.86
C SER B 207 -2.65 -16.93 -2.92
N ALA B 208 -3.94 -16.88 -3.31
CA ALA B 208 -4.50 -17.77 -4.33
C ALA B 208 -3.90 -17.47 -5.70
N ALA B 209 -3.70 -16.16 -6.01
CA ALA B 209 -3.11 -15.87 -7.31
C ALA B 209 -1.74 -16.55 -7.37
N LEU B 210 -0.99 -16.45 -6.31
CA LEU B 210 0.36 -17.01 -6.36
C LEU B 210 0.31 -18.53 -6.48
N GLU B 211 -0.53 -19.15 -5.65
CA GLU B 211 -0.56 -20.60 -5.58
C GLU B 211 -1.19 -21.27 -6.83
N LEU B 212 -2.19 -20.62 -7.45
CA LEU B 212 -2.94 -21.20 -8.56
C LEU B 212 -2.34 -20.82 -9.93
N ALA B 213 -1.36 -19.90 -9.95
CA ALA B 213 -0.82 -19.46 -11.22
C ALA B 213 -0.25 -20.64 -11.99
N PRO B 214 0.50 -21.59 -11.37
CA PRO B 214 0.98 -22.75 -12.13
C PRO B 214 -0.10 -23.64 -12.77
N TYR B 215 -1.36 -23.57 -12.30
CA TYR B 215 -2.48 -24.28 -12.90
C TYR B 215 -3.24 -23.44 -13.93
N GLY B 216 -2.75 -22.22 -14.17
CA GLY B 216 -3.33 -21.36 -15.17
C GLY B 216 -4.62 -20.73 -14.66
N ILE B 217 -4.82 -20.69 -13.33
CA ILE B 217 -6.02 -20.01 -12.84
C ILE B 217 -5.59 -18.65 -12.33
N ARG B 218 -6.26 -17.60 -12.83
CA ARG B 218 -5.92 -16.23 -12.44
C ARG B 218 -6.89 -15.82 -11.34
N VAL B 219 -6.40 -15.03 -10.37
CA VAL B 219 -7.28 -14.63 -9.29
C VAL B 219 -7.09 -13.12 -9.09
N ASN B 220 -8.20 -12.36 -9.19
CA ASN B 220 -8.15 -10.91 -9.22
C ASN B 220 -9.29 -10.42 -8.37
N GLY B 221 -9.27 -9.12 -8.08
CA GLY B 221 -10.37 -8.54 -7.34
C GLY B 221 -10.91 -7.29 -8.00
N VAL B 222 -12.15 -6.94 -7.66
CA VAL B 222 -12.76 -5.68 -8.05
C VAL B 222 -13.22 -5.02 -6.76
N ALA B 223 -12.81 -3.76 -6.56
CA ALA B 223 -13.07 -3.07 -5.29
C ALA B 223 -13.99 -1.88 -5.55
N PRO B 224 -15.31 -1.98 -5.35
CA PRO B 224 -16.20 -0.81 -5.49
C PRO B 224 -15.92 0.10 -4.31
N GLY B 225 -16.27 1.38 -4.52
CA GLY B 225 -16.31 2.35 -3.44
C GLY B 225 -17.78 2.48 -3.02
N VAL B 226 -18.48 3.51 -3.49
CA VAL B 226 -19.94 3.55 -3.30
C VAL B 226 -20.57 3.07 -4.61
N SER B 227 -21.31 1.98 -4.57
CA SER B 227 -22.07 1.58 -5.73
C SER B 227 -23.51 1.55 -5.24
N LEU B 228 -24.22 0.45 -5.49
CA LEU B 228 -25.65 0.46 -5.11
C LEU B 228 -25.74 0.63 -3.60
N LEU B 229 -26.44 1.70 -3.18
CA LEU B 229 -26.48 1.97 -1.77
C LEU B 229 -27.46 0.96 -1.13
N PRO B 230 -27.33 0.71 0.19
CA PRO B 230 -28.20 -0.25 0.88
C PRO B 230 -29.66 0.19 0.78
N VAL B 231 -30.56 -0.78 0.60
CA VAL B 231 -31.99 -0.54 0.37
C VAL B 231 -32.56 0.25 1.56
N ALA B 232 -32.02 0.00 2.76
CA ALA B 232 -32.63 0.57 3.95
C ALA B 232 -32.14 1.98 4.25
N MET B 233 -31.15 2.47 3.48
CA MET B 233 -30.60 3.80 3.67
C MET B 233 -31.61 4.83 3.16
N GLY B 234 -31.82 5.91 3.90
CA GLY B 234 -32.72 6.97 3.43
C GLY B 234 -31.98 7.85 2.44
N GLU B 235 -32.75 8.58 1.60
CA GLU B 235 -32.19 9.38 0.53
C GLU B 235 -31.18 10.42 1.01
N GLU B 236 -31.44 11.03 2.17
CA GLU B 236 -30.54 12.05 2.70
C GLU B 236 -29.15 11.43 2.96
N GLU B 237 -29.14 10.21 3.49
CA GLU B 237 -27.89 9.52 3.84
C GLU B 237 -27.20 9.07 2.54
N LYS B 238 -27.98 8.60 1.54
CA LYS B 238 -27.43 8.25 0.24
C LYS B 238 -26.78 9.46 -0.41
N ASP B 239 -27.43 10.65 -0.35
CA ASP B 239 -26.83 11.83 -0.94
C ASP B 239 -25.53 12.28 -0.25
N LYS B 240 -25.42 12.05 1.07
CA LYS B 240 -24.21 12.35 1.81
C LYS B 240 -23.06 11.59 1.15
N TRP B 241 -23.32 10.32 0.84
CA TRP B 241 -22.25 9.54 0.24
C TRP B 241 -21.96 9.99 -1.20
N ARG B 242 -23.03 10.20 -2.01
CA ARG B 242 -22.86 10.61 -3.39
C ARG B 242 -21.96 11.83 -3.50
N ARG B 243 -22.21 12.83 -2.62
CA ARG B 243 -21.52 14.10 -2.70
C ARG B 243 -20.02 13.98 -2.43
N LYS B 244 -19.59 12.86 -1.89
CA LYS B 244 -18.15 12.65 -1.62
C LYS B 244 -17.41 12.14 -2.87
N VAL B 245 -18.10 11.67 -3.91
CA VAL B 245 -17.44 10.97 -5.02
C VAL B 245 -16.93 11.99 -6.03
N PRO B 246 -15.61 12.13 -6.24
CA PRO B 246 -15.12 13.16 -7.18
C PRO B 246 -15.66 13.04 -8.60
N LEU B 247 -15.69 11.82 -9.15
CA LEU B 247 -16.07 11.60 -10.52
C LEU B 247 -17.61 11.50 -10.61
N GLY B 248 -18.27 12.68 -10.70
CA GLY B 248 -19.69 12.77 -11.02
C GLY B 248 -20.59 12.83 -9.78
N ARG B 249 -20.02 12.80 -8.57
CA ARG B 249 -20.82 12.94 -7.35
C ARG B 249 -22.01 12.01 -7.33
N ARG B 250 -21.77 10.76 -7.78
CA ARG B 250 -22.79 9.72 -7.81
C ARG B 250 -22.14 8.36 -7.58
N GLU B 251 -22.96 7.41 -7.11
CA GLU B 251 -22.47 6.05 -6.92
C GLU B 251 -22.28 5.33 -8.26
N ALA B 252 -21.41 4.27 -8.27
CA ALA B 252 -21.32 3.40 -9.44
C ALA B 252 -22.64 2.67 -9.73
N SER B 253 -23.00 2.56 -11.01
CA SER B 253 -24.03 1.62 -11.36
C SER B 253 -23.57 0.18 -11.15
N ALA B 254 -24.55 -0.74 -10.96
CA ALA B 254 -24.14 -2.14 -10.88
C ALA B 254 -23.42 -2.55 -12.16
N GLU B 255 -23.86 -2.02 -13.31
CA GLU B 255 -23.26 -2.41 -14.55
C GLU B 255 -21.78 -1.96 -14.64
N GLN B 256 -21.49 -0.81 -14.02
CA GLN B 256 -20.11 -0.32 -14.02
C GLN B 256 -19.23 -1.33 -13.25
N ILE B 257 -19.75 -1.84 -12.13
CA ILE B 257 -18.93 -2.82 -11.39
C ILE B 257 -18.77 -4.06 -12.26
N ALA B 258 -19.88 -4.54 -12.90
CA ALA B 258 -19.83 -5.77 -13.68
C ALA B 258 -18.85 -5.63 -14.84
N ASP B 259 -18.75 -4.42 -15.42
CA ASP B 259 -17.82 -4.23 -16.54
C ASP B 259 -16.37 -4.56 -16.15
N ALA B 260 -16.01 -4.21 -14.90
CA ALA B 260 -14.66 -4.54 -14.52
C ALA B 260 -14.49 -6.05 -14.33
N VAL B 261 -15.49 -6.74 -13.74
CA VAL B 261 -15.43 -8.18 -13.66
C VAL B 261 -15.26 -8.79 -15.05
N ILE B 262 -16.09 -8.35 -16.00
CA ILE B 262 -16.04 -8.90 -17.37
C ILE B 262 -14.65 -8.72 -17.96
N PHE B 263 -14.02 -7.54 -17.72
CA PHE B 263 -12.66 -7.36 -18.23
C PHE B 263 -11.72 -8.40 -17.60
N LEU B 264 -11.78 -8.58 -16.27
CA LEU B 264 -10.82 -9.49 -15.64
C LEU B 264 -11.01 -10.98 -16.02
N VAL B 265 -12.22 -11.37 -16.45
CA VAL B 265 -12.33 -12.76 -16.90
C VAL B 265 -12.02 -12.95 -18.37
N SER B 266 -11.92 -11.81 -19.10
CA SER B 266 -11.73 -11.82 -20.55
C SER B 266 -10.29 -12.14 -20.96
N GLY B 267 -10.17 -12.45 -22.28
CA GLY B 267 -8.84 -12.66 -22.88
C GLY B 267 -7.99 -11.37 -22.90
N SER B 268 -8.59 -10.20 -22.63
CA SER B 268 -7.79 -8.98 -22.54
C SER B 268 -7.09 -8.87 -21.18
N ALA B 269 -7.32 -9.85 -20.25
CA ALA B 269 -6.66 -9.77 -18.93
C ALA B 269 -5.84 -11.04 -18.69
N GLN B 270 -5.42 -11.67 -19.81
CA GLN B 270 -4.78 -12.97 -19.67
C GLN B 270 -3.46 -12.97 -18.88
N TYR B 271 -2.77 -11.82 -18.74
CA TYR B 271 -1.55 -11.77 -17.93
C TYR B 271 -1.80 -11.18 -16.54
N ILE B 272 -3.05 -10.83 -16.22
CA ILE B 272 -3.35 -10.14 -14.94
C ILE B 272 -3.72 -11.20 -13.89
N THR B 273 -2.95 -11.23 -12.79
CA THR B 273 -3.32 -12.10 -11.67
C THR B 273 -2.80 -11.40 -10.42
N GLY B 274 -3.56 -11.53 -9.34
CA GLY B 274 -3.22 -10.90 -8.08
C GLY B 274 -3.57 -9.42 -8.02
N SER B 275 -4.27 -8.88 -9.02
CA SER B 275 -4.55 -7.44 -9.12
C SER B 275 -5.91 -7.15 -8.56
N ILE B 276 -6.06 -5.99 -7.92
CA ILE B 276 -7.37 -5.57 -7.44
C ILE B 276 -7.68 -4.24 -8.11
N ILE B 277 -8.72 -4.18 -8.93
CA ILE B 277 -9.04 -2.96 -9.68
C ILE B 277 -10.06 -2.17 -8.84
N LYS B 278 -9.70 -0.96 -8.42
CA LYS B 278 -10.68 -0.11 -7.74
C LYS B 278 -11.63 0.42 -8.80
N VAL B 279 -12.91 0.47 -8.47
CA VAL B 279 -13.94 1.05 -9.31
C VAL B 279 -14.75 2.00 -8.42
N ASP B 280 -14.15 3.16 -8.12
CA ASP B 280 -14.66 3.96 -7.02
C ASP B 280 -14.80 5.44 -7.33
N GLY B 281 -14.64 5.81 -8.61
CA GLY B 281 -14.81 7.22 -9.01
C GLY B 281 -13.94 8.18 -8.19
N GLY B 282 -12.77 7.67 -7.72
CA GLY B 282 -11.83 8.46 -6.96
C GLY B 282 -12.12 8.60 -5.46
N LEU B 283 -13.15 7.90 -4.92
CA LEU B 283 -13.57 8.18 -3.54
C LEU B 283 -12.42 7.89 -2.54
N SER B 284 -11.64 6.83 -2.81
CA SER B 284 -10.56 6.45 -1.89
C SER B 284 -9.45 7.49 -1.86
N LEU B 285 -9.41 8.44 -2.81
CA LEU B 285 -8.35 9.42 -2.82
C LEU B 285 -8.72 10.66 -1.96
N VAL B 286 -9.98 10.72 -1.48
CA VAL B 286 -10.51 11.92 -0.85
C VAL B 286 -10.15 11.94 0.63
N HIS B 287 -9.41 12.96 1.05
CA HIS B 287 -9.06 12.99 2.48
C HIS B 287 -10.27 13.38 3.33
N ALA B 288 -10.14 13.17 4.64
CA ALA B 288 -11.13 13.55 5.63
C ALA B 288 -11.54 15.02 5.45
N ALA C 23 2.05 1.46 39.22
CA ALA C 23 2.71 0.84 38.04
C ALA C 23 1.64 0.40 37.04
N PRO C 24 1.88 0.58 35.72
CA PRO C 24 0.91 0.10 34.74
C PRO C 24 1.01 -1.42 34.59
N ALA C 25 0.03 -2.02 33.88
CA ALA C 25 0.01 -3.46 33.75
C ALA C 25 -0.29 -3.82 32.28
N ALA C 26 0.34 -4.91 31.85
CA ALA C 26 0.20 -5.32 30.45
C ALA C 26 -0.21 -6.80 30.38
N VAL C 27 -1.02 -7.15 29.35
CA VAL C 27 -1.22 -8.54 28.99
C VAL C 27 -0.44 -8.88 27.73
N VAL C 28 0.32 -9.98 27.74
CA VAL C 28 0.97 -10.44 26.52
C VAL C 28 0.50 -11.85 26.21
N THR C 29 -0.08 -12.04 25.02
CA THR C 29 -0.55 -13.39 24.73
C THR C 29 0.57 -14.20 24.09
N GLY C 30 0.56 -15.51 24.35
CA GLY C 30 1.64 -16.34 23.84
C GLY C 30 3.01 -15.97 24.45
N ALA C 31 3.04 -15.63 25.75
CA ALA C 31 4.20 -14.96 26.34
C ALA C 31 5.24 -15.93 26.89
N ALA C 32 5.09 -17.24 26.75
CA ALA C 32 5.96 -18.16 27.48
C ALA C 32 7.28 -18.34 26.76
N LYS C 33 7.28 -18.05 25.44
CA LYS C 33 8.45 -18.40 24.62
C LYS C 33 8.69 -17.32 23.58
N ARG C 34 9.95 -17.28 23.11
CA ARG C 34 10.31 -16.60 21.87
C ARG C 34 9.92 -15.14 21.93
N ILE C 35 9.18 -14.68 20.90
CA ILE C 35 8.98 -13.25 20.82
C ILE C 35 8.13 -12.76 21.99
N GLY C 36 7.07 -13.53 22.35
CA GLY C 36 6.19 -13.01 23.38
C GLY C 36 6.94 -12.94 24.73
N ARG C 37 7.86 -13.89 24.91
CA ARG C 37 8.62 -13.85 26.15
C ARG C 37 9.52 -12.62 26.22
N ALA C 38 10.18 -12.27 25.08
CA ALA C 38 11.04 -11.12 24.99
C ALA C 38 10.23 -9.82 25.25
N ILE C 39 9.02 -9.79 24.68
CA ILE C 39 8.12 -8.68 24.92
C ILE C 39 7.79 -8.56 26.41
N ALA C 40 7.43 -9.69 27.07
CA ALA C 40 7.03 -9.58 28.47
C ALA C 40 8.23 -9.16 29.31
N VAL C 41 9.40 -9.74 28.98
CA VAL C 41 10.62 -9.35 29.71
C VAL C 41 10.88 -7.84 29.62
N LYS C 42 10.88 -7.31 28.40
CA LYS C 42 11.11 -5.90 28.22
C LYS C 42 10.02 -5.04 28.87
N LEU C 43 8.71 -5.41 28.77
CA LEU C 43 7.77 -4.51 29.45
C LEU C 43 8.09 -4.53 30.96
N HIS C 44 8.32 -5.71 31.49
CA HIS C 44 8.62 -5.81 32.93
C HIS C 44 9.81 -4.92 33.31
N GLN C 45 10.87 -4.97 32.49
CA GLN C 45 12.08 -4.14 32.68
C GLN C 45 11.77 -2.65 32.63
N THR C 46 10.72 -2.24 31.91
CA THR C 46 10.31 -0.86 31.76
C THR C 46 9.45 -0.46 32.95
N GLY C 47 9.05 -1.44 33.78
CA GLY C 47 8.27 -1.14 34.96
C GLY C 47 6.84 -1.66 34.95
N TYR C 48 6.46 -2.41 33.89
CA TYR C 48 5.10 -2.94 33.86
C TYR C 48 4.96 -4.16 34.76
N ARG C 49 3.76 -4.32 35.33
CA ARG C 49 3.32 -5.63 35.81
C ARG C 49 2.72 -6.40 34.62
N VAL C 50 2.98 -7.70 34.53
CA VAL C 50 2.61 -8.46 33.33
C VAL C 50 1.75 -9.70 33.61
N VAL C 51 0.79 -9.95 32.71
CA VAL C 51 0.08 -11.23 32.65
C VAL C 51 0.69 -12.02 31.51
N ILE C 52 1.25 -13.18 31.81
CA ILE C 52 1.89 -14.07 30.85
C ILE C 52 0.84 -15.09 30.45
N HIS C 53 0.18 -14.89 29.30
CA HIS C 53 -0.77 -15.85 28.78
C HIS C 53 -0.07 -17.04 28.10
N TYR C 54 -0.60 -18.27 28.31
CA TYR C 54 -0.05 -19.45 27.67
C TYR C 54 -1.20 -20.40 27.32
N HIS C 55 -0.93 -21.32 26.40
CA HIS C 55 -1.92 -22.34 26.09
C HIS C 55 -1.39 -23.67 26.58
N ASN C 56 -0.35 -24.19 25.92
CA ASN C 56 0.23 -25.46 26.27
C ASN C 56 1.49 -25.30 27.13
N SER C 57 2.07 -24.08 27.19
CA SER C 57 3.42 -23.98 27.74
C SER C 57 3.42 -23.56 29.21
N ALA C 58 2.75 -24.36 30.07
CA ALA C 58 2.60 -23.92 31.44
C ALA C 58 3.93 -23.83 32.17
N GLU C 59 4.79 -24.84 32.00
CA GLU C 59 6.06 -24.87 32.72
C GLU C 59 6.90 -23.62 32.38
N ALA C 60 7.01 -23.33 31.07
CA ALA C 60 7.76 -22.17 30.59
C ALA C 60 7.16 -20.87 31.13
N ALA C 61 5.80 -20.78 31.15
CA ALA C 61 5.16 -19.57 31.60
C ALA C 61 5.47 -19.32 33.06
N VAL C 62 5.37 -20.40 33.85
CA VAL C 62 5.63 -20.26 35.26
C VAL C 62 7.10 -19.97 35.52
N SER C 63 8.04 -20.61 34.77
CA SER C 63 9.45 -20.26 34.92
C SER C 63 9.71 -18.77 34.65
N LEU C 64 9.03 -18.15 33.64
CA LEU C 64 9.25 -16.75 33.34
C LEU C 64 8.67 -15.92 34.47
N ALA C 65 7.47 -16.30 34.97
CA ALA C 65 6.85 -15.51 36.02
C ALA C 65 7.75 -15.56 37.26
N ASP C 66 8.37 -16.71 37.49
CA ASP C 66 9.28 -16.88 38.65
C ASP C 66 10.49 -15.93 38.51
N GLU C 67 11.12 -15.93 37.33
CA GLU C 67 12.21 -14.99 37.01
C GLU C 67 11.80 -13.54 37.25
N LEU C 68 10.63 -13.14 36.75
CA LEU C 68 10.18 -11.77 36.95
C LEU C 68 9.85 -11.41 38.40
N ASN C 69 9.18 -12.31 39.12
CA ASN C 69 8.78 -11.97 40.50
C ASN C 69 10.00 -11.97 41.44
N LYS C 70 11.03 -12.74 41.08
CA LYS C 70 12.27 -12.65 41.85
C LYS C 70 12.90 -11.26 41.72
N GLU C 71 12.73 -10.56 40.57
CA GLU C 71 13.18 -9.19 40.41
C GLU C 71 12.34 -8.19 41.20
N ARG C 72 11.00 -8.26 41.07
CA ARG C 72 10.06 -7.44 41.81
C ARG C 72 8.86 -8.32 42.17
N SER C 73 8.61 -8.46 43.47
CA SER C 73 7.61 -9.38 43.97
C SER C 73 6.23 -9.02 43.45
N ASN C 74 5.48 -10.07 43.05
CA ASN C 74 4.05 -9.91 42.72
C ASN C 74 3.88 -8.92 41.56
N THR C 75 4.74 -9.05 40.55
CA THR C 75 4.54 -8.21 39.37
C THR C 75 4.30 -9.07 38.13
N ALA C 76 4.13 -10.37 38.28
CA ALA C 76 3.84 -11.24 37.11
C ALA C 76 2.91 -12.38 37.55
N VAL C 77 1.92 -12.65 36.71
CA VAL C 77 1.01 -13.78 36.91
C VAL C 77 0.84 -14.48 35.56
N VAL C 78 0.36 -15.72 35.57
CA VAL C 78 0.10 -16.46 34.34
C VAL C 78 -1.40 -16.63 34.17
N CYS C 79 -1.80 -16.86 32.90
CA CYS C 79 -3.19 -17.12 32.62
C CYS C 79 -3.27 -18.08 31.44
N GLN C 80 -3.94 -19.22 31.64
CA GLN C 80 -4.06 -20.23 30.59
C GLN C 80 -5.29 -19.91 29.75
N ALA C 81 -5.12 -20.00 28.42
CA ALA C 81 -6.32 -20.02 27.55
C ALA C 81 -5.97 -20.60 26.20
N ASP C 82 -6.87 -21.43 25.65
CA ASP C 82 -6.80 -21.75 24.23
C ASP C 82 -7.44 -20.62 23.43
N LEU C 83 -6.73 -20.13 22.39
CA LEU C 83 -7.26 -19.00 21.63
C LEU C 83 -7.78 -19.49 20.26
N THR C 84 -7.89 -20.81 20.08
CA THR C 84 -8.66 -21.38 18.95
C THR C 84 -10.07 -20.78 18.93
N ASN C 85 -10.64 -20.46 17.75
CA ASN C 85 -12.01 -19.90 17.80
C ASN C 85 -13.01 -21.05 18.15
N SER C 86 -14.02 -20.73 18.95
CA SER C 86 -15.02 -21.73 19.31
C SER C 86 -16.12 -20.95 20.01
N ASN C 87 -17.13 -21.66 20.50
CA ASN C 87 -18.23 -20.99 21.21
C ASN C 87 -17.77 -20.42 22.55
N VAL C 88 -16.66 -20.90 23.07
CA VAL C 88 -16.19 -20.37 24.35
C VAL C 88 -15.05 -19.34 24.23
N LEU C 89 -14.51 -19.10 23.01
CA LEU C 89 -13.42 -18.12 22.91
C LEU C 89 -13.81 -16.74 23.50
N PRO C 90 -15.00 -16.14 23.28
CA PRO C 90 -15.25 -14.86 23.93
C PRO C 90 -15.06 -14.88 25.45
N ALA C 91 -15.61 -15.92 26.10
CA ALA C 91 -15.39 -16.01 27.54
C ALA C 91 -13.92 -16.17 27.90
N SER C 92 -13.12 -16.97 27.17
CA SER C 92 -11.72 -17.08 27.47
C SER C 92 -10.96 -15.75 27.34
N CYS C 93 -11.35 -14.92 26.35
CA CYS C 93 -10.67 -13.66 26.09
C CYS C 93 -11.07 -12.67 27.20
N GLU C 94 -12.33 -12.68 27.59
CA GLU C 94 -12.77 -11.85 28.71
C GLU C 94 -12.00 -12.25 29.98
N GLU C 95 -11.75 -13.54 30.16
CA GLU C 95 -11.01 -14.02 31.35
C GLU C 95 -9.56 -13.52 31.37
N ILE C 96 -8.88 -13.55 30.21
CA ILE C 96 -7.51 -13.03 30.09
C ILE C 96 -7.45 -11.57 30.56
N ILE C 97 -8.34 -10.74 30.05
CA ILE C 97 -8.37 -9.34 30.46
C ILE C 97 -8.71 -9.21 31.94
N ASN C 98 -9.73 -9.96 32.38
CA ASN C 98 -10.11 -9.88 33.79
C ASN C 98 -8.96 -10.28 34.71
N SER C 99 -8.16 -11.27 34.30
CA SER C 99 -7.01 -11.70 35.11
CA SER C 99 -7.02 -11.70 35.11
C SER C 99 -6.08 -10.54 35.40
N CYS C 100 -5.93 -9.62 34.42
CA CYS C 100 -5.05 -8.48 34.62
C CYS C 100 -5.68 -7.52 35.64
N PHE C 101 -6.96 -7.21 35.50
CA PHE C 101 -7.65 -6.32 36.45
C PHE C 101 -7.68 -6.92 37.86
N ARG C 102 -7.84 -8.24 37.96
CA ARG C 102 -7.85 -8.86 39.28
C ARG C 102 -6.48 -8.80 39.95
N ALA C 103 -5.43 -9.14 39.20
CA ALA C 103 -4.09 -9.18 39.77
C ALA C 103 -3.58 -7.79 40.09
N PHE C 104 -3.88 -6.80 39.23
CA PHE C 104 -3.15 -5.55 39.26
C PHE C 104 -4.04 -4.32 39.40
N GLY C 105 -5.36 -4.47 39.21
CA GLY C 105 -6.32 -3.38 39.38
C GLY C 105 -6.49 -2.48 38.15
N ARG C 106 -5.87 -2.87 37.02
CA ARG C 106 -5.84 -1.98 35.86
C ARG C 106 -5.28 -2.80 34.69
N CYS C 107 -5.49 -2.31 33.43
CA CYS C 107 -4.87 -3.01 32.30
C CYS C 107 -4.59 -1.94 31.26
N ASP C 108 -3.31 -1.60 31.13
CA ASP C 108 -2.96 -0.41 30.33
C ASP C 108 -2.58 -0.82 28.91
N VAL C 109 -2.05 -2.03 28.76
CA VAL C 109 -1.45 -2.47 27.48
C VAL C 109 -1.90 -3.90 27.18
N LEU C 110 -2.30 -4.15 25.90
CA LEU C 110 -2.57 -5.48 25.41
C LEU C 110 -1.61 -5.73 24.26
N VAL C 111 -0.85 -6.82 24.30
CA VAL C 111 -0.03 -7.18 23.16
C VAL C 111 -0.57 -8.50 22.62
N ASN C 112 -1.08 -8.48 21.37
CA ASN C 112 -1.63 -9.67 20.76
C ASN C 112 -0.50 -10.31 19.95
N ASN C 113 0.15 -11.24 20.59
CA ASN C 113 1.34 -11.89 20.08
C ASN C 113 1.07 -13.34 19.65
N ALA C 114 0.16 -14.07 20.34
CA ALA C 114 -0.04 -15.50 20.08
C ALA C 114 -0.40 -15.73 18.61
N SER C 115 0.16 -16.79 18.05
CA SER C 115 -0.13 -17.04 16.66
C SER C 115 0.11 -18.49 16.31
N ALA C 116 -0.75 -19.04 15.46
CA ALA C 116 -0.52 -20.33 14.83
C ALA C 116 -0.03 -20.12 13.40
N PHE C 117 0.82 -21.06 12.95
CA PHE C 117 1.47 -20.89 11.68
C PHE C 117 1.71 -22.30 11.09
N TYR C 118 1.10 -22.58 9.94
CA TYR C 118 1.36 -23.81 9.20
C TYR C 118 0.68 -23.72 7.85
N PRO C 119 1.11 -24.52 6.85
CA PRO C 119 0.52 -24.45 5.52
C PRO C 119 -0.90 -25.00 5.41
N THR C 120 -1.66 -24.41 4.49
CA THR C 120 -3.01 -24.85 4.16
C THR C 120 -3.13 -24.80 2.65
N PRO C 121 -2.53 -25.77 1.91
CA PRO C 121 -2.59 -25.83 0.45
C PRO C 121 -4.02 -25.79 -0.11
N LEU C 122 -4.20 -25.04 -1.22
CA LEU C 122 -5.54 -24.94 -1.80
C LEU C 122 -5.87 -26.21 -2.60
N VAL C 123 -4.83 -26.93 -3.05
CA VAL C 123 -4.99 -28.09 -3.93
C VAL C 123 -4.34 -29.33 -3.31
N LYS C 134 -5.81 -32.62 10.54
CA LYS C 134 -6.80 -31.58 10.96
C LYS C 134 -7.78 -31.31 9.82
N THR C 135 -9.08 -31.17 10.13
CA THR C 135 -10.01 -30.78 9.09
C THR C 135 -9.74 -29.31 8.68
N VAL C 136 -10.25 -28.91 7.52
CA VAL C 136 -10.00 -27.56 7.07
C VAL C 136 -10.70 -26.61 8.05
N GLU C 137 -11.82 -27.02 8.67
CA GLU C 137 -12.49 -26.09 9.57
C GLU C 137 -11.75 -26.00 10.93
N THR C 138 -11.02 -27.04 11.31
CA THR C 138 -10.16 -26.85 12.49
C THR C 138 -9.04 -25.85 12.14
N GLN C 139 -8.51 -25.94 10.90
CA GLN C 139 -7.44 -25.04 10.44
C GLN C 139 -7.96 -23.60 10.45
N VAL C 140 -9.17 -23.39 9.97
CA VAL C 140 -9.81 -22.09 10.08
C VAL C 140 -9.85 -21.61 11.52
N ALA C 141 -10.38 -22.46 12.43
CA ALA C 141 -10.52 -22.03 13.80
C ALA C 141 -9.19 -21.69 14.47
N GLU C 142 -8.12 -22.45 14.15
CA GLU C 142 -6.83 -22.17 14.73
C GLU C 142 -6.15 -20.96 14.07
N LEU C 143 -6.04 -20.90 12.72
CA LEU C 143 -5.27 -19.87 12.01
C LEU C 143 -6.03 -18.55 12.06
N ILE C 144 -7.33 -18.56 11.77
CA ILE C 144 -8.05 -17.30 11.79
C ILE C 144 -8.44 -16.98 13.23
N GLY C 145 -8.66 -17.97 14.11
N GLY C 145 -9.03 -18.00 13.85
CA GLY C 145 -8.91 -17.64 15.51
CA GLY C 145 -9.43 -17.93 15.24
C GLY C 145 -7.74 -17.04 16.30
C GLY C 145 -8.33 -17.28 16.06
N THR C 146 -6.58 -17.71 16.33
N THR C 146 -7.15 -17.93 16.11
CA THR C 146 -5.45 -17.11 17.03
CA THR C 146 -6.10 -17.43 17.00
C THR C 146 -5.01 -15.80 16.39
C THR C 146 -5.48 -16.13 16.51
N ASN C 147 -4.96 -15.75 15.05
N ASN C 147 -5.32 -15.99 15.18
CA ASN C 147 -4.29 -14.59 14.48
CA ASN C 147 -4.48 -14.92 14.63
C ASN C 147 -5.24 -13.40 14.37
C ASN C 147 -5.22 -13.58 14.54
N ALA C 148 -6.56 -13.64 14.38
CA ALA C 148 -7.45 -12.50 14.12
C ALA C 148 -8.62 -12.39 15.09
N ILE C 149 -9.34 -13.51 15.29
CA ILE C 149 -10.55 -13.44 16.10
C ILE C 149 -10.23 -13.26 17.58
N ALA C 150 -9.24 -14.01 18.07
CA ALA C 150 -8.86 -13.73 19.47
C ALA C 150 -8.41 -12.28 19.71
N PRO C 151 -7.56 -11.70 18.83
CA PRO C 151 -7.24 -10.29 18.96
C PRO C 151 -8.46 -9.39 18.98
N PHE C 152 -9.44 -9.73 18.13
CA PHE C 152 -10.65 -8.90 18.11
C PHE C 152 -11.38 -8.95 19.45
N LEU C 153 -11.55 -10.17 19.96
CA LEU C 153 -12.30 -10.35 21.20
C LEU C 153 -11.54 -9.78 22.39
N LEU C 154 -10.21 -9.95 22.40
CA LEU C 154 -9.41 -9.33 23.47
C LEU C 154 -9.49 -7.82 23.41
N THR C 155 -9.50 -7.25 22.20
CA THR C 155 -9.60 -5.82 22.02
C THR C 155 -10.95 -5.34 22.55
N MET C 156 -12.03 -6.08 22.20
CA MET C 156 -13.35 -5.65 22.71
C MET C 156 -13.34 -5.70 24.25
N SER C 157 -12.80 -6.78 24.83
CA SER C 157 -12.82 -6.91 26.29
C SER C 157 -11.96 -5.84 26.95
N PHE C 158 -10.81 -5.50 26.31
CA PHE C 158 -9.88 -4.54 26.91
C PHE C 158 -10.57 -3.18 26.91
N ALA C 159 -11.23 -2.83 25.80
CA ALA C 159 -11.84 -1.51 25.66
C ALA C 159 -13.05 -1.37 26.60
N GLN C 160 -13.85 -2.44 26.68
CA GLN C 160 -15.06 -2.47 27.52
C GLN C 160 -14.70 -2.29 29.01
N ARG C 161 -13.56 -2.85 29.46
CA ARG C 161 -13.15 -2.73 30.86
C ARG C 161 -12.60 -1.33 31.20
N GLN C 162 -12.40 -0.44 30.21
CA GLN C 162 -11.83 0.86 30.51
C GLN C 162 -12.98 1.85 30.83
N SER C 171 -3.95 10.60 33.17
CA SER C 171 -2.50 10.54 32.87
C SER C 171 -2.19 9.24 32.14
N SER C 172 -3.25 8.47 31.84
CA SER C 172 -3.09 7.08 31.41
C SER C 172 -2.56 7.01 29.97
N ASN C 173 -2.00 5.87 29.60
CA ASN C 173 -1.43 5.76 28.26
C ASN C 173 -1.82 4.34 27.82
N LEU C 174 -3.04 4.24 27.29
CA LEU C 174 -3.62 2.93 26.97
C LEU C 174 -3.31 2.56 25.52
N SER C 175 -2.81 1.36 25.32
CA SER C 175 -2.58 1.01 23.91
C SER C 175 -2.58 -0.50 23.70
N ILE C 176 -2.83 -0.85 22.44
CA ILE C 176 -2.81 -2.23 22.02
C ILE C 176 -1.74 -2.35 20.93
N VAL C 177 -0.97 -3.43 20.96
CA VAL C 177 -0.02 -3.64 19.86
C VAL C 177 -0.25 -5.05 19.31
N ASN C 178 -0.51 -5.13 17.99
CA ASN C 178 -0.76 -6.41 17.32
C ASN C 178 0.47 -6.87 16.57
N LEU C 179 0.87 -8.12 16.72
CA LEU C 179 2.04 -8.66 15.98
C LEU C 179 1.56 -9.14 14.61
N CYS C 180 2.00 -8.40 13.59
CA CYS C 180 1.55 -8.50 12.22
C CYS C 180 2.62 -9.30 11.47
N ASP C 181 2.78 -9.07 10.15
CA ASP C 181 3.78 -9.84 9.40
C ASP C 181 4.27 -8.97 8.23
N ALA C 182 5.60 -8.76 8.11
CA ALA C 182 6.06 -7.79 7.13
C ALA C 182 5.87 -8.35 5.71
N MET C 183 5.65 -9.65 5.61
CA MET C 183 5.58 -10.28 4.29
C MET C 183 4.13 -10.55 3.87
N VAL C 184 3.21 -9.76 4.43
CA VAL C 184 1.79 -9.97 4.19
C VAL C 184 1.41 -9.84 2.72
N ASP C 185 2.12 -8.98 1.97
CA ASP C 185 1.78 -8.80 0.57
C ASP C 185 2.70 -9.58 -0.37
N GLN C 186 3.63 -10.39 0.18
CA GLN C 186 4.43 -11.27 -0.65
C GLN C 186 4.44 -12.62 0.04
N PRO C 187 3.26 -13.27 0.04
CA PRO C 187 3.02 -14.35 1.00
C PRO C 187 3.86 -15.61 0.73
N CSX C 188 4.07 -16.40 1.79
CA CSX C 188 4.65 -17.73 1.63
CB CSX C 188 4.87 -18.35 3.01
SG CSX C 188 6.22 -17.52 3.89
C CSX C 188 3.67 -18.60 0.83
O CSX C 188 2.46 -18.62 1.05
OD CSX C 188 7.52 -18.05 3.21
N MET C 189 4.15 -19.43 -0.11
CA MET C 189 3.32 -20.29 -0.94
C MET C 189 2.63 -21.36 -0.07
N ALA C 190 1.36 -21.57 -0.32
CA ALA C 190 0.53 -22.56 0.37
C ALA C 190 0.14 -22.14 1.80
N PHE C 191 0.32 -20.85 2.15
CA PHE C 191 -0.07 -20.33 3.45
C PHE C 191 -1.28 -19.39 3.35
N SER C 192 -2.29 -19.77 2.59
CA SER C 192 -3.45 -18.90 2.41
CA SER C 192 -3.42 -18.87 2.41
C SER C 192 -4.12 -18.49 3.72
N LEU C 193 -4.49 -19.46 4.56
CA LEU C 193 -5.27 -19.12 5.74
C LEU C 193 -4.45 -18.30 6.71
N TYR C 194 -3.17 -18.66 6.91
CA TYR C 194 -2.29 -17.83 7.72
C TYR C 194 -2.26 -16.38 7.20
N ASN C 195 -2.10 -16.23 5.88
CA ASN C 195 -1.98 -14.90 5.29
C ASN C 195 -3.31 -14.16 5.45
N MET C 196 -4.44 -14.89 5.28
CA MET C 196 -5.76 -14.24 5.45
C MET C 196 -5.88 -13.67 6.87
N GLY C 197 -5.51 -14.50 7.85
CA GLY C 197 -5.51 -14.13 9.26
C GLY C 197 -4.69 -12.87 9.54
N LYS C 198 -3.49 -12.80 8.94
CA LYS C 198 -2.63 -11.65 9.18
C LYS C 198 -3.18 -10.40 8.47
N HIS C 199 -3.81 -10.59 7.31
CA HIS C 199 -4.43 -9.43 6.69
C HIS C 199 -5.60 -8.98 7.54
N ALA C 200 -6.38 -9.90 8.09
CA ALA C 200 -7.51 -9.52 8.94
C ALA C 200 -6.99 -8.71 10.13
N LEU C 201 -5.81 -9.11 10.66
CA LEU C 201 -5.26 -8.41 11.83
C LEU C 201 -4.82 -6.99 11.46
N VAL C 202 -4.37 -6.76 10.22
CA VAL C 202 -4.12 -5.37 9.78
C VAL C 202 -5.45 -4.60 9.78
N GLY C 203 -6.52 -5.23 9.23
CA GLY C 203 -7.82 -4.55 9.24
C GLY C 203 -8.24 -4.23 10.68
N LEU C 204 -8.09 -5.19 11.62
CA LEU C 204 -8.45 -4.91 13.00
C LEU C 204 -7.67 -3.72 13.55
N THR C 205 -6.36 -3.70 13.25
CA THR C 205 -5.48 -2.65 13.74
C THR C 205 -6.06 -1.28 13.34
N GLN C 206 -6.38 -1.15 12.04
CA GLN C 206 -6.88 0.11 11.50
C GLN C 206 -8.27 0.41 12.04
N SER C 207 -9.19 -0.57 12.02
CA SER C 207 -10.56 -0.32 12.45
C SER C 207 -10.65 0.03 13.94
N ALA C 208 -9.86 -0.70 14.73
CA ALA C 208 -9.81 -0.44 16.17
C ALA C 208 -9.13 0.88 16.49
N ALA C 209 -8.07 1.22 15.72
CA ALA C 209 -7.45 2.50 15.99
C ALA C 209 -8.51 3.59 15.82
N LEU C 210 -9.31 3.51 14.77
CA LEU C 210 -10.28 4.57 14.53
CA LEU C 210 -10.30 4.56 14.51
C LEU C 210 -11.36 4.61 15.60
N GLU C 211 -11.92 3.46 15.92
CA GLU C 211 -13.06 3.37 16.83
C GLU C 211 -12.67 3.63 18.27
N LEU C 212 -11.42 3.33 18.66
CA LEU C 212 -11.04 3.51 20.06
C LEU C 212 -10.27 4.80 20.31
N ALA C 213 -9.95 5.55 19.24
CA ALA C 213 -9.23 6.79 19.44
C ALA C 213 -10.01 7.75 20.36
N PRO C 214 -11.34 7.87 20.26
CA PRO C 214 -12.10 8.73 21.20
C PRO C 214 -11.96 8.35 22.66
N TYR C 215 -11.63 7.09 22.96
CA TYR C 215 -11.39 6.58 24.29
C TYR C 215 -9.95 6.76 24.76
N GLY C 216 -9.10 7.37 23.93
CA GLY C 216 -7.69 7.47 24.27
C GLY C 216 -6.92 6.15 24.15
N ILE C 217 -7.47 5.18 23.41
CA ILE C 217 -6.75 3.91 23.31
C ILE C 217 -6.08 3.89 21.94
N ARG C 218 -4.74 3.80 21.89
CA ARG C 218 -4.07 3.76 20.59
C ARG C 218 -3.92 2.28 20.20
N VAL C 219 -3.93 2.00 18.88
CA VAL C 219 -3.80 0.62 18.44
C VAL C 219 -2.79 0.58 17.29
N ASN C 220 -1.72 -0.23 17.42
CA ASN C 220 -0.68 -0.17 16.40
C ASN C 220 -0.19 -1.59 16.18
N GLY C 221 0.69 -1.78 15.20
CA GLY C 221 1.21 -3.12 14.95
C GLY C 221 2.73 -3.07 14.79
N VAL C 222 3.35 -4.23 15.05
CA VAL C 222 4.74 -4.47 14.71
C VAL C 222 4.80 -5.68 13.79
N ALA C 223 5.50 -5.53 12.66
CA ALA C 223 5.48 -6.57 11.66
C ALA C 223 6.89 -7.12 11.49
N PRO C 224 7.20 -8.26 12.11
CA PRO C 224 8.52 -8.91 11.93
C PRO C 224 8.65 -9.54 10.54
N GLY C 225 9.89 -9.71 10.09
CA GLY C 225 10.11 -10.46 8.85
C GLY C 225 10.59 -11.85 9.21
N VAL C 226 11.88 -12.11 8.96
CA VAL C 226 12.56 -13.22 9.61
C VAL C 226 12.96 -12.74 11.02
N SER C 227 12.32 -13.30 12.06
CA SER C 227 12.79 -13.15 13.43
C SER C 227 13.24 -14.54 13.90
N LEU C 228 12.99 -14.89 15.17
CA LEU C 228 13.27 -16.25 15.62
C LEU C 228 12.63 -17.26 14.65
N LEU C 229 13.47 -18.08 14.00
CA LEU C 229 12.96 -19.00 13.00
C LEU C 229 12.21 -20.12 13.72
N PRO C 230 11.20 -20.76 13.08
CA PRO C 230 10.52 -21.90 13.69
C PRO C 230 11.49 -23.03 14.07
N VAL C 231 11.34 -23.55 15.29
CA VAL C 231 12.14 -24.65 15.81
C VAL C 231 12.28 -25.72 14.74
N ALA C 232 11.16 -26.12 14.12
CA ALA C 232 11.17 -27.22 13.17
C ALA C 232 12.15 -26.93 12.04
N MET C 233 11.99 -25.77 11.39
CA MET C 233 12.72 -25.46 10.17
C MET C 233 14.14 -26.01 10.25
N GLY C 234 14.56 -26.64 9.16
CA GLY C 234 15.91 -27.17 9.05
C GLY C 234 16.93 -26.03 9.00
N GLU C 235 18.20 -26.38 9.23
CA GLU C 235 19.27 -25.43 9.42
C GLU C 235 19.62 -24.75 8.09
N GLU C 236 19.67 -25.54 7.01
CA GLU C 236 20.03 -25.01 5.72
C GLU C 236 18.92 -24.04 5.25
N GLU C 237 17.67 -24.42 5.54
CA GLU C 237 16.51 -23.62 5.20
C GLU C 237 16.56 -22.27 5.90
N LYS C 238 16.91 -22.23 7.21
CA LYS C 238 17.01 -20.98 7.96
C LYS C 238 18.04 -20.07 7.27
N ASP C 239 19.20 -20.65 6.96
CA ASP C 239 20.32 -19.88 6.43
C ASP C 239 19.97 -19.30 5.06
N LYS C 240 19.11 -20.00 4.30
CA LYS C 240 18.62 -19.52 3.03
C LYS C 240 17.91 -18.18 3.25
N TRP C 241 17.04 -18.11 4.27
CA TRP C 241 16.30 -16.89 4.59
C TRP C 241 17.24 -15.77 5.06
N ARG C 242 18.22 -16.11 5.90
CA ARG C 242 19.10 -15.10 6.49
C ARG C 242 19.85 -14.36 5.39
N ARG C 243 20.26 -15.08 4.34
CA ARG C 243 21.06 -14.52 3.26
C ARG C 243 20.29 -13.52 2.38
N LYS C 244 18.96 -13.51 2.47
CA LYS C 244 18.16 -12.59 1.64
C LYS C 244 17.96 -11.25 2.32
N VAL C 245 18.20 -11.19 3.63
CA VAL C 245 17.97 -9.98 4.40
C VAL C 245 19.01 -8.89 4.09
N PRO C 246 18.62 -7.70 3.60
CA PRO C 246 19.61 -6.63 3.32
C PRO C 246 20.47 -6.23 4.52
N LEU C 247 19.84 -6.01 5.67
N LEU C 247 19.87 -6.15 5.71
CA LEU C 247 20.54 -5.52 6.86
CA LEU C 247 20.60 -5.83 6.93
C LEU C 247 21.23 -6.71 7.52
C LEU C 247 21.11 -7.10 7.59
N GLY C 248 22.46 -6.97 7.10
N GLY C 248 21.35 -8.16 6.81
CA GLY C 248 23.26 -7.87 7.92
CA GLY C 248 21.52 -9.48 7.41
C GLY C 248 23.12 -9.36 7.60
C GLY C 248 22.86 -9.65 8.12
N ARG C 249 22.14 -9.78 6.77
N ARG C 249 23.71 -8.61 8.07
CA ARG C 249 22.08 -11.18 6.33
CA ARG C 249 24.94 -8.65 8.87
C ARG C 249 21.77 -12.11 7.50
C ARG C 249 24.58 -8.80 10.34
N ARG C 250 20.95 -11.63 8.44
N ARG C 250 23.43 -8.22 10.70
CA ARG C 250 20.59 -12.47 9.58
CA ARG C 250 22.83 -8.23 12.03
C ARG C 250 19.20 -12.08 10.03
C ARG C 250 21.94 -9.46 12.15
N GLU C 251 18.57 -12.93 10.87
N GLU C 251 22.10 -10.20 13.25
CA GLU C 251 17.23 -12.66 11.41
CA GLU C 251 21.16 -11.27 13.56
C GLU C 251 17.27 -11.66 12.57
C GLU C 251 19.79 -10.65 13.90
N ALA C 252 16.11 -11.01 12.87
N ALA C 252 18.74 -11.28 13.35
CA ALA C 252 15.93 -10.12 14.02
CA ALA C 252 17.36 -11.01 13.74
C ALA C 252 16.00 -10.94 15.30
C ALA C 252 17.13 -11.64 15.10
N SER C 253 16.68 -10.43 16.34
N SER C 253 16.43 -10.91 15.97
CA SER C 253 16.49 -11.04 17.66
CA SER C 253 16.19 -11.49 17.26
C SER C 253 15.05 -10.78 18.08
C SER C 253 14.83 -11.08 17.77
N ALA C 254 14.46 -11.67 18.93
CA ALA C 254 13.18 -11.33 19.54
C ALA C 254 13.27 -9.98 20.23
N GLU C 255 14.46 -9.68 20.77
CA GLU C 255 14.60 -8.42 21.51
C GLU C 255 14.43 -7.18 20.60
N GLN C 256 14.78 -7.34 19.32
CA GLN C 256 14.62 -6.26 18.35
C GLN C 256 13.12 -6.04 18.05
N ILE C 257 12.33 -7.11 18.06
CA ILE C 257 10.87 -6.96 17.91
C ILE C 257 10.33 -6.26 19.16
N ALA C 258 10.73 -6.77 20.33
CA ALA C 258 10.27 -6.19 21.58
C ALA C 258 10.53 -4.69 21.72
N ASP C 259 11.72 -4.26 21.24
CA ASP C 259 12.08 -2.84 21.22
C ASP C 259 11.06 -1.97 20.46
N ALA C 260 10.53 -2.45 19.33
CA ALA C 260 9.47 -1.69 18.66
C ALA C 260 8.16 -1.63 19.45
N VAL C 261 7.81 -2.77 20.05
CA VAL C 261 6.69 -2.81 20.96
C VAL C 261 6.84 -1.79 22.08
N ILE C 262 8.01 -1.80 22.74
CA ILE C 262 8.25 -0.87 23.84
C ILE C 262 8.10 0.60 23.38
N PHE C 263 8.63 0.93 22.18
CA PHE C 263 8.41 2.27 21.66
C PHE C 263 6.89 2.57 21.54
N LEU C 264 6.14 1.65 20.88
CA LEU C 264 4.74 1.98 20.58
C LEU C 264 3.91 2.15 21.87
N VAL C 265 4.29 1.46 22.98
CA VAL C 265 3.51 1.64 24.20
C VAL C 265 3.97 2.88 25.00
N SER C 266 5.13 3.44 24.60
CA SER C 266 5.75 4.51 25.36
C SER C 266 5.05 5.86 25.19
N GLY C 267 5.39 6.82 26.10
CA GLY C 267 5.00 8.21 25.92
C GLY C 267 5.62 8.87 24.67
N SER C 268 6.66 8.24 24.09
CA SER C 268 7.24 8.71 22.82
C SER C 268 6.41 8.38 21.60
N ALA C 269 5.29 7.66 21.81
CA ALA C 269 4.41 7.29 20.70
C ALA C 269 2.98 7.75 20.94
N GLN C 270 2.81 8.84 21.71
CA GLN C 270 1.46 9.20 22.13
C GLN C 270 0.55 9.70 21.02
N TYR C 271 1.11 10.15 19.87
CA TYR C 271 0.27 10.56 18.77
C TYR C 271 0.15 9.46 17.72
N ILE C 272 0.76 8.31 17.96
CA ILE C 272 0.79 7.28 16.89
C ILE C 272 -0.39 6.29 17.13
N THR C 273 -1.26 6.15 16.11
CA THR C 273 -2.28 5.11 16.20
C THR C 273 -2.61 4.70 14.76
N GLY C 274 -2.85 3.39 14.59
CA GLY C 274 -3.17 2.83 13.29
C GLY C 274 -1.90 2.64 12.45
N SER C 275 -0.73 2.64 13.11
CA SER C 275 0.52 2.51 12.38
C SER C 275 1.07 1.11 12.58
N ILE C 276 1.72 0.59 11.54
CA ILE C 276 2.36 -0.71 11.63
C ILE C 276 3.84 -0.48 11.32
N ILE C 277 4.73 -0.84 12.25
CA ILE C 277 6.15 -0.62 12.08
C ILE C 277 6.75 -1.94 11.63
N LYS C 278 7.33 -1.98 10.40
CA LYS C 278 8.02 -3.19 9.95
C LYS C 278 9.37 -3.24 10.68
N VAL C 279 9.76 -4.44 11.08
CA VAL C 279 11.04 -4.68 11.72
C VAL C 279 11.59 -5.93 11.03
N ASP C 280 12.13 -5.73 9.84
CA ASP C 280 12.39 -6.85 8.94
C ASP C 280 13.76 -6.76 8.27
N GLY C 281 14.57 -5.78 8.70
CA GLY C 281 15.93 -5.71 8.11
C GLY C 281 15.92 -5.43 6.60
N GLY C 282 14.78 -4.88 6.11
CA GLY C 282 14.68 -4.58 4.69
C GLY C 282 14.13 -5.70 3.81
N LEU C 283 13.82 -6.86 4.42
CA LEU C 283 13.53 -8.04 3.59
C LEU C 283 12.32 -7.83 2.64
N SER C 284 11.31 -7.03 3.07
CA SER C 284 10.12 -6.85 2.24
C SER C 284 10.41 -6.01 1.01
N LEU C 285 11.55 -5.34 0.99
CA LEU C 285 11.96 -4.54 -0.17
C LEU C 285 12.63 -5.36 -1.28
N VAL C 286 12.90 -6.64 -1.03
CA VAL C 286 13.77 -7.41 -1.91
C VAL C 286 12.90 -8.16 -2.95
N HIS C 287 13.11 -7.83 -4.23
CA HIS C 287 12.34 -8.45 -5.29
C HIS C 287 12.78 -9.91 -5.46
N ALA C 288 11.90 -10.68 -6.11
CA ALA C 288 12.11 -12.07 -6.46
C ALA C 288 13.42 -12.27 -7.25
N GLU D 22 -15.21 13.03 -36.34
CA GLU D 22 -15.97 12.32 -35.24
C GLU D 22 -15.12 11.20 -34.61
N ALA D 23 -14.02 10.73 -35.23
CA ALA D 23 -13.22 9.75 -34.49
C ALA D 23 -12.45 10.46 -33.37
N PRO D 24 -12.30 9.81 -32.20
CA PRO D 24 -11.51 10.48 -31.15
C PRO D 24 -10.02 10.42 -31.52
N ALA D 25 -9.22 11.14 -30.71
CA ALA D 25 -7.80 11.17 -30.99
C ALA D 25 -6.99 11.00 -29.71
N ALA D 26 -5.79 10.41 -29.86
CA ALA D 26 -4.94 10.13 -28.72
C ALA D 26 -3.51 10.53 -29.02
N VAL D 27 -2.80 10.95 -27.95
CA VAL D 27 -1.36 11.12 -28.01
C VAL D 27 -0.74 9.94 -27.26
N VAL D 28 0.28 9.31 -27.84
CA VAL D 28 1.01 8.28 -27.10
C VAL D 28 2.48 8.67 -27.09
N THR D 29 3.09 8.83 -25.92
CA THR D 29 4.50 9.27 -25.94
C THR D 29 5.40 8.03 -26.03
N GLY D 30 6.55 8.19 -26.63
CA GLY D 30 7.51 7.07 -26.88
C GLY D 30 6.84 5.93 -27.65
N ALA D 31 6.12 6.29 -28.72
CA ALA D 31 5.27 5.35 -29.46
C ALA D 31 5.93 4.63 -30.62
N ALA D 32 7.19 4.94 -30.93
CA ALA D 32 7.78 4.36 -32.15
C ALA D 32 8.04 2.86 -32.01
N LYS D 33 8.26 2.36 -30.77
CA LYS D 33 8.68 0.98 -30.60
C LYS D 33 8.04 0.34 -29.36
N ARG D 34 8.14 -1.00 -29.30
CA ARG D 34 7.83 -1.76 -28.08
C ARG D 34 6.42 -1.42 -27.56
N ILE D 35 6.32 -1.16 -26.24
CA ILE D 35 5.01 -1.03 -25.64
C ILE D 35 4.25 0.16 -26.22
N GLY D 36 4.96 1.28 -26.41
CA GLY D 36 4.20 2.44 -26.89
C GLY D 36 3.68 2.20 -28.32
N ARG D 37 4.48 1.50 -29.11
CA ARG D 37 4.03 1.14 -30.45
C ARG D 37 2.76 0.25 -30.38
N ALA D 38 2.72 -0.77 -29.49
CA ALA D 38 1.57 -1.64 -29.36
C ALA D 38 0.34 -0.87 -28.89
N ILE D 39 0.54 0.08 -27.98
CA ILE D 39 -0.54 0.93 -27.57
C ILE D 39 -1.08 1.75 -28.74
N ALA D 40 -0.19 2.40 -29.50
CA ALA D 40 -0.69 3.21 -30.59
C ALA D 40 -1.45 2.32 -31.59
N VAL D 41 -0.89 1.15 -31.91
CA VAL D 41 -1.59 0.24 -32.86
C VAL D 41 -2.98 -0.16 -32.37
N LYS D 42 -3.11 -0.51 -31.07
CA LYS D 42 -4.37 -0.99 -30.59
C LYS D 42 -5.33 0.19 -30.46
N LEU D 43 -4.81 1.39 -30.12
CA LEU D 43 -5.76 2.51 -30.09
C LEU D 43 -6.30 2.72 -31.52
N HIS D 44 -5.41 2.70 -32.50
CA HIS D 44 -5.83 2.91 -33.90
C HIS D 44 -6.85 1.86 -34.31
N GLN D 45 -6.57 0.59 -33.97
CA GLN D 45 -7.53 -0.51 -34.27
C GLN D 45 -8.91 -0.27 -33.65
N THR D 46 -8.98 0.44 -32.51
CA THR D 46 -10.17 0.72 -31.75
C THR D 46 -10.89 1.90 -32.37
N GLY D 47 -10.21 2.63 -33.27
CA GLY D 47 -10.88 3.74 -33.97
C GLY D 47 -10.30 5.12 -33.68
N TYR D 48 -9.17 5.19 -32.94
CA TYR D 48 -8.59 6.47 -32.62
C TYR D 48 -7.63 6.94 -33.73
N ARG D 49 -7.62 8.26 -33.96
CA ARG D 49 -6.49 8.89 -34.68
C ARG D 49 -5.36 9.07 -33.67
N VAL D 50 -4.10 8.91 -34.10
CA VAL D 50 -3.00 8.92 -33.12
C VAL D 50 -1.88 9.91 -33.48
N VAL D 51 -1.33 10.55 -32.43
CA VAL D 51 -0.06 11.28 -32.50
C VAL D 51 1.00 10.35 -31.94
N ILE D 52 1.96 10.01 -32.77
CA ILE D 52 3.04 9.10 -32.42
C ILE D 52 4.19 10.00 -31.99
N HIS D 53 4.39 10.20 -30.67
CA HIS D 53 5.54 10.98 -30.24
C HIS D 53 6.80 10.07 -30.21
N TYR D 54 7.93 10.64 -30.59
CA TYR D 54 9.21 9.92 -30.51
C TYR D 54 10.32 10.91 -30.13
N HIS D 55 11.51 10.38 -29.82
CA HIS D 55 12.62 11.24 -29.49
C HIS D 55 13.72 10.95 -30.51
N ASN D 56 14.36 9.80 -30.40
CA ASN D 56 15.41 9.43 -31.34
C ASN D 56 14.94 8.52 -32.47
N SER D 57 13.79 7.83 -32.36
CA SER D 57 13.56 6.74 -33.29
C SER D 57 12.67 7.23 -34.44
N ALA D 58 13.18 8.20 -35.24
CA ALA D 58 12.34 8.78 -36.29
C ALA D 58 11.95 7.77 -37.37
N GLU D 59 12.87 6.89 -37.81
CA GLU D 59 12.56 5.96 -38.87
C GLU D 59 11.42 5.03 -38.45
N ALA D 60 11.50 4.52 -37.21
CA ALA D 60 10.46 3.64 -36.71
C ALA D 60 9.14 4.40 -36.55
N ALA D 61 9.18 5.67 -36.12
CA ALA D 61 7.94 6.41 -35.89
C ALA D 61 7.21 6.63 -37.21
N VAL D 62 8.01 7.09 -38.20
CA VAL D 62 7.47 7.37 -39.51
C VAL D 62 6.93 6.08 -40.11
N SER D 63 7.68 4.98 -39.99
CA SER D 63 7.20 3.70 -40.51
CA SER D 63 7.20 3.72 -40.53
C SER D 63 5.87 3.28 -39.90
N LEU D 64 5.68 3.56 -38.59
CA LEU D 64 4.41 3.20 -37.97
C LEU D 64 3.33 4.14 -38.51
N ALA D 65 3.64 5.43 -38.68
CA ALA D 65 2.60 6.35 -39.12
C ALA D 65 2.16 5.93 -40.53
N ASP D 66 3.17 5.58 -41.34
CA ASP D 66 2.82 5.21 -42.72
C ASP D 66 1.94 3.96 -42.74
N GLU D 67 2.24 2.96 -41.91
CA GLU D 67 1.42 1.74 -41.84
C GLU D 67 -0.01 2.11 -41.42
N LEU D 68 -0.18 2.97 -40.43
CA LEU D 68 -1.48 3.30 -39.91
C LEU D 68 -2.28 4.11 -40.92
N ASN D 69 -1.58 5.02 -41.61
CA ASN D 69 -2.26 5.81 -42.64
C ASN D 69 -2.64 4.96 -43.86
N LYS D 70 -1.87 3.90 -44.16
CA LYS D 70 -2.29 3.00 -45.22
C LYS D 70 -3.57 2.28 -44.82
N GLU D 71 -3.72 1.94 -43.54
CA GLU D 71 -4.94 1.33 -43.05
C GLU D 71 -6.11 2.31 -43.17
N ARG D 72 -5.92 3.57 -42.77
CA ARG D 72 -6.94 4.59 -42.94
CA ARG D 72 -6.96 4.60 -42.90
C ARG D 72 -6.27 5.95 -43.05
N SER D 73 -6.50 6.66 -44.18
CA SER D 73 -5.79 7.90 -44.47
C SER D 73 -6.04 8.96 -43.42
N ASN D 74 -4.98 9.78 -43.17
CA ASN D 74 -5.07 10.91 -42.26
C ASN D 74 -5.48 10.52 -40.83
N THR D 75 -4.95 9.41 -40.32
CA THR D 75 -5.28 9.00 -38.96
C THR D 75 -4.03 8.94 -38.05
N ALA D 76 -2.84 9.24 -38.59
CA ALA D 76 -1.64 9.18 -37.73
C ALA D 76 -0.71 10.31 -38.18
N VAL D 77 -0.06 10.96 -37.18
CA VAL D 77 1.00 11.90 -37.45
C VAL D 77 2.11 11.59 -36.41
N VAL D 78 3.31 12.09 -36.65
CA VAL D 78 4.42 11.96 -35.71
C VAL D 78 4.72 13.33 -35.09
N CYS D 79 5.34 13.31 -33.90
CA CYS D 79 5.74 14.54 -33.23
C CYS D 79 7.04 14.24 -32.52
N GLN D 80 8.13 14.94 -32.90
CA GLN D 80 9.40 14.66 -32.19
C GLN D 80 9.56 15.59 -30.98
N ALA D 81 10.06 15.05 -29.86
CA ALA D 81 10.39 15.90 -28.72
C ALA D 81 11.25 15.13 -27.73
N ASP D 82 12.25 15.84 -27.19
CA ASP D 82 13.00 15.31 -26.05
C ASP D 82 12.23 15.64 -24.79
N LEU D 83 11.99 14.64 -23.91
CA LEU D 83 11.15 14.91 -22.76
C LEU D 83 12.03 15.00 -21.51
N THR D 84 13.36 15.12 -21.71
CA THR D 84 14.25 15.47 -20.58
C THR D 84 13.81 16.81 -19.96
N ASN D 85 13.90 16.94 -18.64
CA ASN D 85 13.47 18.21 -18.06
C ASN D 85 14.49 19.31 -18.41
N SER D 86 13.96 20.50 -18.69
CA SER D 86 14.76 21.67 -19.07
C SER D 86 13.86 22.88 -19.10
N ASN D 87 14.41 24.09 -19.35
CA ASN D 87 13.67 25.34 -19.44
CA ASN D 87 13.47 25.20 -19.25
C ASN D 87 12.56 25.25 -20.48
N VAL D 88 12.83 24.45 -21.53
CA VAL D 88 11.95 24.40 -22.68
C VAL D 88 10.92 23.25 -22.58
N LEU D 89 11.04 22.35 -21.61
CA LEU D 89 10.14 21.20 -21.54
C LEU D 89 8.66 21.60 -21.51
N PRO D 90 8.20 22.60 -20.73
CA PRO D 90 6.79 23.01 -20.79
C PRO D 90 6.31 23.35 -22.20
N ALA D 91 7.12 24.13 -22.95
CA ALA D 91 6.66 24.47 -24.30
C ALA D 91 6.62 23.22 -25.17
N SER D 92 7.61 22.30 -25.04
CA SER D 92 7.61 21.05 -25.78
C SER D 92 6.31 20.28 -25.52
N CYS D 93 5.92 20.21 -24.25
CA CYS D 93 4.78 19.37 -23.91
C CYS D 93 3.49 20.06 -24.39
N GLU D 94 3.48 21.37 -24.36
CA GLU D 94 2.34 22.10 -24.94
C GLU D 94 2.20 21.81 -26.43
N GLU D 95 3.33 21.80 -27.13
CA GLU D 95 3.43 21.54 -28.56
C GLU D 95 2.96 20.12 -28.94
N ILE D 96 3.23 19.11 -28.07
CA ILE D 96 2.81 17.75 -28.35
C ILE D 96 1.28 17.71 -28.29
N ILE D 97 0.70 18.37 -27.28
CA ILE D 97 -0.75 18.34 -27.16
C ILE D 97 -1.36 19.14 -28.31
N ASN D 98 -0.70 20.27 -28.66
CA ASN D 98 -1.23 21.15 -29.70
C ASN D 98 -1.17 20.40 -31.03
N SER D 99 -0.16 19.52 -31.24
CA SER D 99 -0.08 18.74 -32.47
CA SER D 99 -0.09 18.74 -32.47
C SER D 99 -1.31 17.88 -32.69
N CYS D 100 -1.89 17.32 -31.61
CA CYS D 100 -3.07 16.52 -31.76
C CYS D 100 -4.26 17.39 -32.15
N PHE D 101 -4.44 18.53 -31.49
CA PHE D 101 -5.54 19.40 -31.91
C PHE D 101 -5.34 19.93 -33.34
N ARG D 102 -4.10 20.24 -33.76
CA ARG D 102 -3.92 20.72 -35.12
C ARG D 102 -4.23 19.64 -36.14
N ALA D 103 -3.86 18.40 -35.84
CA ALA D 103 -4.03 17.30 -36.80
C ALA D 103 -5.48 16.84 -36.82
N PHE D 104 -6.17 16.81 -35.65
CA PHE D 104 -7.39 16.02 -35.56
C PHE D 104 -8.52 16.84 -34.96
N GLY D 105 -8.26 18.05 -34.45
CA GLY D 105 -9.28 18.97 -33.94
C GLY D 105 -9.75 18.63 -32.53
N ARG D 106 -9.07 17.67 -31.88
CA ARG D 106 -9.52 17.20 -30.57
C ARG D 106 -8.39 16.36 -29.96
N CYS D 107 -8.45 16.17 -28.63
CA CYS D 107 -7.47 15.25 -28.00
C CYS D 107 -8.22 14.60 -26.85
N ASP D 108 -8.53 13.33 -27.02
CA ASP D 108 -9.40 12.62 -26.06
C ASP D 108 -8.56 11.88 -25.04
N VAL D 109 -7.42 11.34 -25.48
CA VAL D 109 -6.69 10.36 -24.66
C VAL D 109 -5.21 10.74 -24.69
N LEU D 110 -4.60 10.73 -23.49
CA LEU D 110 -3.15 10.93 -23.41
C LEU D 110 -2.52 9.70 -22.74
N VAL D 111 -1.53 9.07 -23.39
CA VAL D 111 -0.86 7.94 -22.76
C VAL D 111 0.59 8.33 -22.52
N ASN D 112 0.97 8.41 -21.23
CA ASN D 112 2.32 8.76 -20.85
C ASN D 112 3.15 7.49 -20.73
N ASN D 113 3.77 7.11 -21.82
CA ASN D 113 4.52 5.85 -21.96
C ASN D 113 6.02 6.05 -21.98
N ALA D 114 6.53 7.16 -22.54
CA ALA D 114 7.97 7.32 -22.73
C ALA D 114 8.71 7.26 -21.39
N SER D 115 9.90 6.64 -21.42
CA SER D 115 10.53 6.53 -20.12
C SER D 115 12.01 6.28 -20.37
N ALA D 116 12.86 6.91 -19.55
CA ALA D 116 14.27 6.51 -19.51
C ALA D 116 14.51 5.59 -18.32
N PHE D 117 15.50 4.72 -18.47
CA PHE D 117 15.76 3.70 -17.48
C PHE D 117 17.25 3.32 -17.57
N TYR D 118 17.95 3.52 -16.44
CA TYR D 118 19.37 3.10 -16.36
C TYR D 118 19.76 3.33 -14.90
N PRO D 119 20.81 2.66 -14.44
CA PRO D 119 21.19 2.74 -13.04
C PRO D 119 21.81 4.08 -12.66
N THR D 120 21.58 4.49 -11.40
CA THR D 120 22.17 5.68 -10.80
C THR D 120 22.64 5.33 -9.39
N PRO D 121 23.77 4.59 -9.25
CA PRO D 121 24.22 4.13 -7.94
C PRO D 121 24.45 5.29 -6.99
N LEU D 122 24.10 5.08 -5.71
CA LEU D 122 24.29 6.08 -4.68
C LEU D 122 25.77 6.17 -4.27
N VAL D 123 26.49 5.05 -4.42
CA VAL D 123 27.92 4.98 -4.07
C VAL D 123 28.78 4.52 -5.25
N GLN D 124 29.89 5.23 -5.45
CA GLN D 124 30.87 4.95 -6.49
C GLN D 124 31.80 3.81 -6.05
N LYS D 134 27.51 10.84 -17.90
CA LYS D 134 26.47 11.87 -17.62
C LYS D 134 26.69 12.41 -16.22
N THR D 135 26.51 13.70 -16.05
CA THR D 135 26.50 14.21 -14.69
C THR D 135 25.23 13.73 -13.98
N VAL D 136 25.24 13.85 -12.65
CA VAL D 136 24.07 13.40 -11.88
C VAL D 136 22.90 14.35 -12.17
N GLU D 137 23.13 15.65 -12.49
CA GLU D 137 21.95 16.48 -12.76
C GLU D 137 21.38 16.17 -14.14
N THR D 138 22.23 15.74 -15.10
CA THR D 138 21.65 15.27 -16.36
C THR D 138 20.80 14.01 -16.07
N GLN D 139 21.28 13.11 -15.21
CA GLN D 139 20.53 11.90 -14.87
C GLN D 139 19.19 12.27 -14.23
N VAL D 140 19.20 13.24 -13.31
CA VAL D 140 17.96 13.73 -12.76
C VAL D 140 17.01 14.25 -13.84
N ALA D 141 17.50 15.11 -14.73
CA ALA D 141 16.64 15.70 -15.75
C ALA D 141 16.07 14.60 -16.66
N GLU D 142 16.88 13.58 -17.02
CA GLU D 142 16.37 12.56 -17.92
C GLU D 142 15.40 11.61 -17.19
N LEU D 143 15.80 11.08 -16.02
CA LEU D 143 14.99 10.04 -15.39
C LEU D 143 13.75 10.67 -14.77
N ILE D 144 13.92 11.75 -14.02
CA ILE D 144 12.75 12.35 -13.42
C ILE D 144 11.95 13.12 -14.47
N GLY D 145 12.59 13.76 -15.45
CA GLY D 145 11.80 14.43 -16.48
C GLY D 145 10.95 13.49 -17.32
N THR D 146 11.56 12.41 -17.87
CA THR D 146 10.74 11.54 -18.72
C THR D 146 9.67 10.83 -17.91
N ASN D 147 10.02 10.40 -16.71
CA ASN D 147 9.11 9.49 -16.01
C ASN D 147 8.04 10.26 -15.22
N ALA D 148 8.32 11.54 -14.90
CA ALA D 148 7.40 12.24 -13.99
C ALA D 148 7.06 13.66 -14.43
N ILE D 149 8.09 14.46 -14.76
CA ILE D 149 7.83 15.88 -15.03
C ILE D 149 7.14 16.07 -16.39
N ALA D 150 7.59 15.35 -17.40
CA ALA D 150 6.93 15.41 -18.70
C ALA D 150 5.45 14.98 -18.56
N PRO D 151 5.14 13.84 -17.88
CA PRO D 151 3.73 13.47 -17.67
C PRO D 151 2.92 14.60 -17.03
N PHE D 152 3.52 15.25 -16.02
CA PHE D 152 2.80 16.33 -15.34
C PHE D 152 2.52 17.47 -16.32
N LEU D 153 3.55 17.85 -17.08
CA LEU D 153 3.35 18.99 -17.99
C LEU D 153 2.38 18.65 -19.12
N LEU D 154 2.46 17.40 -19.62
CA LEU D 154 1.50 16.94 -20.65
C LEU D 154 0.07 16.95 -20.11
N THR D 155 -0.09 16.51 -18.85
CA THR D 155 -1.36 16.43 -18.16
C THR D 155 -1.94 17.86 -18.03
N MET D 156 -1.10 18.83 -17.65
CA MET D 156 -1.49 20.26 -17.55
CA MET D 156 -1.57 20.21 -17.53
C MET D 156 -1.98 20.76 -18.90
N SER D 157 -1.18 20.48 -19.93
CA SER D 157 -1.51 20.96 -21.28
C SER D 157 -2.79 20.30 -21.82
N PHE D 158 -2.97 19.01 -21.50
CA PHE D 158 -4.12 18.25 -21.95
C PHE D 158 -5.36 18.87 -21.30
N ALA D 159 -5.29 19.09 -19.98
CA ALA D 159 -6.46 19.56 -19.25
C ALA D 159 -6.79 21.00 -19.65
N GLN D 160 -5.75 21.84 -19.81
CA GLN D 160 -5.98 23.26 -20.16
C GLN D 160 -6.72 23.39 -21.50
N ARG D 161 -6.39 22.52 -22.46
CA ARG D 161 -6.94 22.60 -23.82
C ARG D 161 -8.39 22.08 -23.91
N GLN D 162 -8.92 21.43 -22.88
CA GLN D 162 -10.29 20.92 -22.92
C GLN D 162 -11.27 22.02 -22.47
N SER D 172 -18.21 12.24 -24.95
CA SER D 172 -16.96 12.65 -24.27
C SER D 172 -16.49 11.52 -23.36
N ASN D 173 -15.29 11.00 -23.63
CA ASN D 173 -14.68 10.07 -22.69
C ASN D 173 -13.20 10.41 -22.65
N LEU D 174 -12.87 11.40 -21.82
CA LEU D 174 -11.53 11.95 -21.76
C LEU D 174 -10.73 11.18 -20.72
N SER D 175 -9.55 10.69 -21.10
CA SER D 175 -8.78 10.04 -20.06
C SER D 175 -7.28 10.04 -20.32
N ILE D 176 -6.54 9.90 -19.22
CA ILE D 176 -5.08 9.85 -19.23
C ILE D 176 -4.66 8.52 -18.64
N VAL D 177 -3.67 7.86 -19.28
CA VAL D 177 -3.20 6.59 -18.74
C VAL D 177 -1.67 6.70 -18.63
N ASN D 178 -1.14 6.49 -17.43
CA ASN D 178 0.29 6.58 -17.13
C ASN D 178 0.92 5.19 -16.98
N LEU D 179 2.01 4.96 -17.66
CA LEU D 179 2.64 3.65 -17.58
C LEU D 179 3.58 3.67 -16.35
N CYS D 180 3.20 2.90 -15.35
CA CYS D 180 3.83 2.90 -14.03
C CYS D 180 4.71 1.65 -13.98
N ASP D 181 4.95 1.06 -12.78
CA ASP D 181 5.87 -0.09 -12.69
C ASP D 181 5.39 -0.94 -11.52
N ALA D 182 5.06 -2.21 -11.76
CA ALA D 182 4.48 -3.03 -10.69
C ALA D 182 5.50 -3.30 -9.57
N MET D 183 6.79 -3.08 -9.85
CA MET D 183 7.83 -3.43 -8.90
C MET D 183 8.34 -2.22 -8.11
N VAL D 184 7.51 -1.16 -8.05
CA VAL D 184 7.92 0.11 -7.48
C VAL D 184 8.30 -0.03 -6.00
N ASP D 185 7.68 -0.97 -5.29
CA ASP D 185 8.01 -1.11 -3.87
C ASP D 185 9.00 -2.24 -3.62
N GLN D 186 9.49 -2.92 -4.66
CA GLN D 186 10.58 -3.86 -4.47
C GLN D 186 11.58 -3.58 -5.59
N PRO D 187 12.25 -2.44 -5.49
CA PRO D 187 12.96 -1.90 -6.65
C PRO D 187 14.28 -2.63 -6.99
N CYS D 188 14.72 -2.44 -8.24
CA CYS D 188 16.03 -2.92 -8.64
C CYS D 188 17.11 -2.11 -7.89
N MET D 189 18.11 -2.83 -7.37
CA MET D 189 19.26 -2.26 -6.69
C MET D 189 19.91 -1.21 -7.61
N ALA D 190 20.23 -0.02 -7.08
CA ALA D 190 20.98 1.04 -7.75
C ALA D 190 20.17 1.75 -8.86
N PHE D 191 18.84 1.70 -8.73
CA PHE D 191 17.91 2.36 -9.65
C PHE D 191 17.12 3.44 -8.92
N SER D 192 17.78 4.16 -7.99
CA SER D 192 17.00 5.07 -7.17
CA SER D 192 17.10 5.15 -7.16
C SER D 192 16.29 6.14 -7.99
N LEU D 193 17.00 6.83 -8.93
CA LEU D 193 16.30 7.92 -9.59
C LEU D 193 15.13 7.41 -10.44
N TYR D 194 15.33 6.30 -11.18
CA TYR D 194 14.21 5.69 -11.90
C TYR D 194 13.04 5.38 -10.94
N ASN D 195 13.36 4.79 -9.76
N ASN D 195 13.34 4.79 -9.77
CA ASN D 195 12.31 4.38 -8.82
CA ASN D 195 12.24 4.39 -8.90
C ASN D 195 11.57 5.62 -8.30
C ASN D 195 11.57 5.61 -8.26
N MET D 196 12.36 6.68 -8.04
CA MET D 196 11.78 7.94 -7.57
C MET D 196 10.82 8.50 -8.62
N GLY D 197 11.26 8.45 -9.91
CA GLY D 197 10.44 8.97 -11.00
C GLY D 197 9.13 8.18 -11.10
N LYS D 198 9.22 6.85 -10.99
CA LYS D 198 7.98 6.06 -11.08
C LYS D 198 7.07 6.22 -9.86
N HIS D 199 7.66 6.41 -8.65
CA HIS D 199 6.79 6.72 -7.53
C HIS D 199 6.13 8.09 -7.73
N ALA D 200 6.88 9.06 -8.29
CA ALA D 200 6.27 10.36 -8.49
C ALA D 200 5.10 10.23 -9.46
N LEU D 201 5.22 9.33 -10.43
CA LEU D 201 4.15 9.17 -11.41
C LEU D 201 2.90 8.57 -10.74
N VAL D 202 3.06 7.69 -9.75
CA VAL D 202 1.89 7.24 -8.98
C VAL D 202 1.22 8.45 -8.32
N GLY D 203 2.03 9.31 -7.69
CA GLY D 203 1.47 10.52 -7.09
C GLY D 203 0.74 11.35 -8.11
N LEU D 204 1.38 11.56 -9.27
CA LEU D 204 0.63 12.33 -10.27
C LEU D 204 -0.72 11.69 -10.62
N THR D 205 -0.70 10.37 -10.87
CA THR D 205 -1.90 9.65 -11.26
C THR D 205 -3.01 9.91 -10.23
N GLN D 206 -2.68 9.81 -8.93
CA GLN D 206 -3.67 10.06 -7.87
C GLN D 206 -4.07 11.53 -7.76
N SER D 207 -3.09 12.44 -7.76
CA SER D 207 -3.40 13.87 -7.61
C SER D 207 -4.20 14.39 -8.79
N ALA D 208 -3.79 13.98 -10.01
CA ALA D 208 -4.51 14.44 -11.21
C ALA D 208 -5.89 13.80 -11.30
N ALA D 209 -6.05 12.55 -10.86
CA ALA D 209 -7.40 11.98 -10.86
C ALA D 209 -8.32 12.84 -9.98
N LEU D 210 -7.84 13.26 -8.82
CA LEU D 210 -8.72 14.01 -7.94
CA LEU D 210 -8.72 14.01 -7.95
C LEU D 210 -9.04 15.39 -8.52
N GLU D 211 -8.03 16.06 -9.03
CA GLU D 211 -8.19 17.43 -9.49
C GLU D 211 -8.98 17.52 -10.79
N LEU D 212 -8.79 16.53 -11.69
CA LEU D 212 -9.44 16.58 -12.99
C LEU D 212 -10.82 15.91 -13.03
N ALA D 213 -11.21 15.21 -11.95
CA ALA D 213 -12.47 14.45 -11.97
C ALA D 213 -13.63 15.44 -12.19
N PRO D 214 -13.64 16.67 -11.64
CA PRO D 214 -14.73 17.62 -11.99
C PRO D 214 -14.85 18.03 -13.46
N TYR D 215 -13.80 17.86 -14.27
CA TYR D 215 -13.80 18.14 -15.68
C TYR D 215 -14.16 16.88 -16.46
N GLY D 216 -14.38 15.78 -15.75
CA GLY D 216 -14.77 14.57 -16.42
C GLY D 216 -13.55 13.88 -17.05
N ILE D 217 -12.34 14.19 -16.56
CA ILE D 217 -11.17 13.55 -17.15
C ILE D 217 -10.76 12.48 -16.16
N ARG D 218 -10.63 11.23 -16.63
CA ARG D 218 -10.24 10.17 -15.72
C ARG D 218 -8.71 9.98 -15.85
N VAL D 219 -8.04 9.61 -14.76
CA VAL D 219 -6.58 9.43 -14.80
C VAL D 219 -6.27 8.10 -14.12
N ASN D 220 -5.55 7.19 -14.83
CA ASN D 220 -5.32 5.86 -14.29
C ASN D 220 -3.90 5.45 -14.70
N GLY D 221 -3.46 4.32 -14.16
CA GLY D 221 -2.16 3.81 -14.60
C GLY D 221 -2.25 2.33 -14.95
N VAL D 222 -1.25 1.91 -15.72
CA VAL D 222 -1.01 0.49 -15.97
C VAL D 222 0.42 0.18 -15.56
N ALA D 223 0.58 -0.84 -14.73
CA ALA D 223 1.87 -1.10 -14.12
C ALA D 223 2.37 -2.47 -14.60
N PRO D 224 3.22 -2.54 -15.62
CA PRO D 224 3.80 -3.81 -16.05
C PRO D 224 4.76 -4.30 -14.98
N GLY D 225 4.98 -5.63 -15.02
CA GLY D 225 6.05 -6.26 -14.24
C GLY D 225 7.26 -6.47 -15.14
N VAL D 226 7.40 -7.69 -15.67
CA VAL D 226 8.36 -7.93 -16.74
C VAL D 226 7.56 -8.00 -18.04
N SER D 227 7.83 -7.07 -18.95
CA SER D 227 7.20 -7.14 -20.26
C SER D 227 8.36 -7.32 -21.24
N LEU D 228 8.34 -6.64 -22.36
CA LEU D 228 9.42 -6.79 -23.32
C LEU D 228 10.79 -6.52 -22.67
N LEU D 229 11.70 -7.50 -22.78
CA LEU D 229 12.98 -7.36 -22.10
C LEU D 229 13.92 -6.48 -22.94
N PRO D 230 14.95 -5.86 -22.33
CA PRO D 230 15.88 -4.98 -23.05
C PRO D 230 16.53 -5.70 -24.23
N VAL D 231 16.77 -4.95 -25.33
CA VAL D 231 17.23 -5.53 -26.59
C VAL D 231 18.52 -6.33 -26.40
N ALA D 232 19.46 -5.75 -25.64
CA ALA D 232 20.83 -6.24 -25.56
C ALA D 232 20.91 -7.54 -24.75
N MET D 233 19.98 -7.67 -23.79
CA MET D 233 20.02 -8.68 -22.74
C MET D 233 20.18 -10.07 -23.37
N GLY D 234 21.19 -10.83 -22.90
CA GLY D 234 21.33 -12.25 -23.24
C GLY D 234 20.14 -13.10 -22.81
N GLU D 235 19.84 -14.17 -23.60
CA GLU D 235 18.70 -15.04 -23.30
C GLU D 235 18.81 -15.66 -21.91
N GLU D 236 20.04 -16.05 -21.51
CA GLU D 236 20.22 -16.65 -20.21
C GLU D 236 19.75 -15.67 -19.11
N GLU D 237 20.02 -14.35 -19.28
CA GLU D 237 19.54 -13.38 -18.30
C GLU D 237 18.03 -13.15 -18.45
N LYS D 238 17.52 -13.16 -19.70
CA LYS D 238 16.09 -12.96 -19.89
C LYS D 238 15.33 -14.10 -19.21
N ASP D 239 15.91 -15.31 -19.33
CA ASP D 239 15.31 -16.50 -18.76
C ASP D 239 15.28 -16.43 -17.23
N LYS D 240 16.27 -15.77 -16.63
CA LYS D 240 16.30 -15.60 -15.18
C LYS D 240 15.06 -14.80 -14.75
N TRP D 241 14.70 -13.79 -15.54
CA TRP D 241 13.52 -12.98 -15.21
C TRP D 241 12.20 -13.74 -15.44
N ARG D 242 12.09 -14.37 -16.62
CA ARG D 242 10.92 -15.15 -17.02
C ARG D 242 10.60 -16.21 -15.97
N ARG D 243 11.62 -16.88 -15.40
CA ARG D 243 11.40 -17.97 -14.45
C ARG D 243 10.82 -17.47 -13.13
N LYS D 244 10.91 -16.17 -12.85
CA LYS D 244 10.32 -15.64 -11.63
C LYS D 244 8.81 -15.39 -11.74
N VAL D 245 8.24 -15.35 -12.95
CA VAL D 245 6.85 -14.93 -13.07
C VAL D 245 5.94 -16.14 -12.82
N PRO D 246 5.06 -16.10 -11.78
CA PRO D 246 4.18 -17.24 -11.49
C PRO D 246 3.30 -17.64 -12.67
N LEU D 247 2.69 -16.65 -13.38
CA LEU D 247 1.72 -16.97 -14.40
C LEU D 247 2.42 -17.22 -15.74
N GLY D 248 2.86 -18.46 -15.95
CA GLY D 248 3.33 -18.81 -17.30
C GLY D 248 4.84 -18.77 -17.45
N ARG D 249 5.59 -18.26 -16.44
CA ARG D 249 7.04 -18.16 -16.46
C ARG D 249 7.47 -17.49 -17.77
N ARG D 250 6.79 -16.40 -18.11
CA ARG D 250 7.12 -15.63 -19.31
C ARG D 250 6.81 -14.16 -19.03
N GLU D 251 7.45 -13.27 -19.83
CA GLU D 251 7.17 -11.84 -19.76
C GLU D 251 5.86 -11.53 -20.46
N ALA D 252 5.25 -10.36 -20.12
CA ALA D 252 4.06 -9.96 -20.86
C ALA D 252 4.46 -9.51 -22.25
N SER D 253 3.59 -9.80 -23.21
CA SER D 253 3.79 -9.16 -24.52
C SER D 253 3.41 -7.68 -24.44
N ALA D 254 3.89 -6.92 -25.43
CA ALA D 254 3.47 -5.52 -25.45
C ALA D 254 1.96 -5.43 -25.59
N GLU D 255 1.37 -6.31 -26.41
CA GLU D 255 -0.07 -6.31 -26.66
C GLU D 255 -0.88 -6.54 -25.37
N GLN D 256 -0.32 -7.37 -24.45
CA GLN D 256 -1.01 -7.60 -23.15
C GLN D 256 -1.03 -6.32 -22.31
N ILE D 257 0.03 -5.53 -22.41
CA ILE D 257 0.06 -4.27 -21.65
C ILE D 257 -0.97 -3.38 -22.34
N ALA D 258 -0.89 -3.32 -23.70
CA ALA D 258 -1.82 -2.45 -24.40
C ALA D 258 -3.28 -2.77 -24.14
N ASP D 259 -3.65 -4.05 -23.92
CA ASP D 259 -5.05 -4.41 -23.66
C ASP D 259 -5.58 -3.74 -22.37
N ALA D 260 -4.71 -3.60 -21.37
CA ALA D 260 -5.14 -2.90 -20.18
C ALA D 260 -5.36 -1.40 -20.44
N VAL D 261 -4.46 -0.77 -21.20
CA VAL D 261 -4.66 0.62 -21.58
C VAL D 261 -6.02 0.77 -22.31
N ILE D 262 -6.29 -0.05 -23.33
CA ILE D 262 -7.54 -0.02 -24.07
C ILE D 262 -8.73 -0.14 -23.12
N PHE D 263 -8.69 -1.11 -22.16
CA PHE D 263 -9.78 -1.11 -21.18
C PHE D 263 -9.96 0.22 -20.46
N LEU D 264 -8.87 0.82 -19.96
CA LEU D 264 -9.00 2.04 -19.16
C LEU D 264 -9.56 3.23 -19.94
N VAL D 265 -9.26 3.26 -21.26
CA VAL D 265 -9.78 4.36 -22.04
C VAL D 265 -11.20 4.12 -22.53
N SER D 266 -11.74 2.93 -22.29
CA SER D 266 -12.99 2.50 -22.90
C SER D 266 -14.21 2.91 -22.06
N GLY D 267 -15.41 2.84 -22.66
CA GLY D 267 -16.68 3.05 -22.01
C GLY D 267 -16.93 2.08 -20.83
N SER D 268 -16.17 0.97 -20.80
CA SER D 268 -16.26 -0.04 -19.74
C SER D 268 -15.53 0.38 -18.45
N ALA D 269 -14.81 1.51 -18.51
CA ALA D 269 -14.04 1.99 -17.37
C ALA D 269 -14.48 3.37 -16.96
N GLN D 270 -15.74 3.74 -17.26
CA GLN D 270 -16.15 5.11 -17.08
CA GLN D 270 -16.18 5.11 -17.08
C GLN D 270 -16.24 5.58 -15.63
N TYR D 271 -16.23 4.67 -14.64
CA TYR D 271 -16.23 5.09 -13.25
C TYR D 271 -14.85 4.90 -12.61
N ILE D 272 -13.86 4.46 -13.44
CA ILE D 272 -12.54 4.15 -12.86
C ILE D 272 -11.64 5.39 -12.99
N THR D 273 -11.13 5.90 -11.84
CA THR D 273 -10.14 6.99 -11.89
C THR D 273 -9.28 6.88 -10.64
N GLY D 274 -8.00 7.16 -10.83
CA GLY D 274 -7.06 7.05 -9.71
C GLY D 274 -6.61 5.60 -9.48
N SER D 275 -6.83 4.70 -10.44
CA SER D 275 -6.56 3.30 -10.21
C SER D 275 -5.35 2.93 -11.02
N ILE D 276 -4.54 2.00 -10.47
CA ILE D 276 -3.41 1.49 -11.24
C ILE D 276 -3.55 -0.01 -11.36
N ILE D 277 -3.68 -0.51 -12.59
CA ILE D 277 -3.88 -1.93 -12.81
C ILE D 277 -2.52 -2.56 -13.04
N LYS D 278 -2.13 -3.51 -12.18
CA LYS D 278 -0.89 -4.23 -12.40
C LYS D 278 -1.16 -5.27 -13.47
N VAL D 279 -0.20 -5.37 -14.36
CA VAL D 279 -0.25 -6.37 -15.43
C VAL D 279 1.09 -7.10 -15.32
N ASP D 280 1.17 -8.06 -14.37
CA ASP D 280 2.50 -8.51 -14.01
C ASP D 280 2.61 -10.02 -13.78
N GLY D 281 1.54 -10.73 -14.12
CA GLY D 281 1.56 -12.21 -14.02
C GLY D 281 1.85 -12.71 -12.59
N GLY D 282 1.61 -11.86 -11.58
CA GLY D 282 1.83 -12.24 -10.20
C GLY D 282 3.24 -11.94 -9.69
N LEU D 283 4.11 -11.33 -10.52
CA LEU D 283 5.53 -11.15 -10.14
C LEU D 283 5.71 -10.35 -8.85
N SER D 284 4.87 -9.31 -8.64
CA SER D 284 5.04 -8.49 -7.46
C SER D 284 4.62 -9.19 -6.17
N LEU D 285 3.98 -10.35 -6.28
CA LEU D 285 3.57 -11.12 -5.10
C LEU D 285 4.66 -12.09 -4.63
N VAL D 286 5.76 -12.19 -5.37
CA VAL D 286 6.79 -13.20 -5.12
C VAL D 286 7.82 -12.63 -4.15
N HIS D 287 8.00 -13.35 -3.03
CA HIS D 287 8.96 -12.89 -2.02
C HIS D 287 10.39 -13.26 -2.44
N ALA D 288 11.40 -12.63 -1.82
CA ALA D 288 12.81 -12.82 -2.11
C ALA D 288 13.25 -14.29 -2.03
PA NAP E . 8.07 23.93 7.01
O1A NAP E . 7.99 24.83 8.26
O2A NAP E . 7.04 24.17 5.94
O5B NAP E . 9.48 23.89 6.28
C5B NAP E . 10.70 23.40 6.88
C4B NAP E . 11.88 24.25 6.32
O4B NAP E . 12.18 23.91 4.98
C3B NAP E . 11.68 25.76 6.19
O3B NAP E . 11.81 26.37 7.50
C2B NAP E . 12.75 26.22 5.18
O2B NAP E . 13.96 26.80 5.77
C1B NAP E . 13.10 24.85 4.49
N9A NAP E . 12.94 25.12 3.08
C8A NAP E . 11.83 25.50 2.37
N7A NAP E . 12.15 25.77 1.08
C5A NAP E . 13.53 25.58 0.99
C6A NAP E . 14.60 25.66 -0.06
N6A NAP E . 14.32 26.06 -1.31
N1A NAP E . 15.85 25.36 0.30
C2A NAP E . 16.19 24.94 1.52
N3A NAP E . 15.31 24.82 2.54
C4A NAP E . 14.02 25.16 2.31
O3 NAP E . 8.06 22.39 7.51
PN NAP E . 7.36 21.75 8.78
O1N NAP E . 8.19 22.00 9.98
O2N NAP E . 5.89 22.15 8.71
O5D NAP E . 7.47 20.17 8.31
C5D NAP E . 8.71 19.44 8.54
C4D NAP E . 8.67 18.28 7.49
O4D NAP E . 7.52 17.42 7.76
C3D NAP E . 8.51 18.67 6.01
O3D NAP E . 9.29 17.77 5.16
C2D NAP E . 7.02 18.50 5.74
O2D NAP E . 6.71 18.27 4.32
C1D NAP E . 6.67 17.26 6.61
N1N NAP E . 5.24 17.39 7.02
C2N NAP E . 4.80 18.32 7.91
C3N NAP E . 3.45 18.44 8.21
C7N NAP E . 2.92 19.45 9.18
O7N NAP E . 1.79 19.27 9.59
N7N NAP E . 3.70 20.47 9.55
C4N NAP E . 2.51 17.53 7.63
C5N NAP E . 3.01 16.58 6.73
C6N NAP E . 4.37 16.54 6.43
P2B NAP E . 14.17 28.44 6.06
O1X NAP E . 15.53 28.37 6.72
O2X NAP E . 13.04 28.78 6.95
O3X NAP E . 14.01 29.10 4.69
C1 GFE F . 3.56 22.65 5.61
C2 GFE F . 5.44 21.57 4.51
C3 GFE F . 3.51 20.37 4.60
C4 GFE F . 1.47 21.31 5.61
C5 GFE F . 1.02 21.06 6.90
C6 GFE F . -0.34 21.00 7.16
N1 GFE F . 5.00 22.47 5.40
N2 GFE F . 6.66 21.72 3.98
N3 GFE F . 4.77 20.46 4.16
N4 GFE F . 2.82 19.27 4.31
N5 GFE F . 2.88 21.37 5.31
CL1 GFE F . -0.86 20.68 8.77
C7 GFE F . -1.27 21.28 6.16
CL2 GFE F . -2.97 21.27 6.49
C8 GFE F . -0.83 21.59 4.89
C9 GFE F . 0.53 21.60 4.62
C10 GFE F . 3.25 23.13 7.03
C11 GFE F . 3.10 23.76 4.66
PA NAP G . -25.47 -7.11 -0.96
O1A NAP G . -26.67 -6.67 -1.77
O2A NAP G . -25.31 -6.45 0.38
O5B NAP G . -25.28 -8.69 -0.75
C5B NAP G . -25.14 -9.55 -1.90
C4B NAP G . -25.72 -10.91 -1.50
O4B NAP G . -24.99 -11.51 -0.44
C3B NAP G . -27.12 -10.84 -0.85
O3B NAP G . -28.13 -10.75 -1.87
C2B NAP G . -27.25 -12.15 -0.12
O2B NAP G . -28.04 -13.12 -0.88
C1B NAP G . -25.75 -12.63 -0.01
N9A NAP G . -25.54 -13.02 1.40
C8A NAP G . -25.63 -12.22 2.54
N7A NAP G . -25.44 -13.04 3.59
C5A NAP G . -25.24 -14.30 3.13
C6A NAP G . -25.05 -15.66 3.70
N6A NAP G . -25.02 -15.72 5.07
N1A NAP G . -24.93 -16.75 2.90
C2A NAP G . -24.96 -16.62 1.53
N3A NAP G . -25.19 -15.40 0.89
C4A NAP G . -25.31 -14.28 1.69
O3 NAP G . -24.20 -6.74 -1.93
PN NAP G . -23.97 -5.61 -3.05
O1N NAP G . -24.68 -6.09 -4.32
O2N NAP G . -24.36 -4.31 -2.41
O5D NAP G . -22.32 -5.78 -3.14
C5D NAP G . -21.79 -6.84 -3.99
C4D NAP G . -20.33 -7.04 -3.43
O4D NAP G . -19.58 -5.81 -3.63
C3D NAP G . -20.21 -7.44 -1.94
O3D NAP G . -19.08 -8.35 -1.80
C2D NAP G . -19.91 -6.12 -1.29
O2D NAP G . -19.23 -6.22 -0.02
C1D NAP G . -19.02 -5.39 -2.34
N1N NAP G . -19.18 -3.95 -2.15
C2N NAP G . -20.34 -3.31 -2.50
C3N NAP G . -20.44 -1.93 -2.36
C7N NAP G . -21.74 -1.20 -2.73
O7N NAP G . -21.69 0.04 -2.76
N7N NAP G . -22.87 -1.89 -2.96
C4N NAP G . -19.38 -1.19 -1.79
C5N NAP G . -18.16 -1.90 -1.42
C6N NAP G . -18.11 -3.29 -1.60
P2B NAP G . -29.64 -13.40 -0.69
O1X NAP G . -29.87 -14.47 -1.72
O2X NAP G . -30.24 -12.09 -1.04
O3X NAP G . -29.82 -13.84 0.77
C ACT H . -31.94 -6.32 -8.97
O ACT H . -31.23 -6.08 -9.97
OXT ACT H . -31.67 -5.91 -7.80
CH3 ACT H . -33.20 -7.20 -9.20
C1 GFE I . -23.53 -2.91 1.18
C1 GFE I . -23.78 -3.35 1.61
C2 GFE I . -22.32 -5.05 1.27
C2 GFE I . -22.39 -5.34 1.57
C3 GFE I . -21.04 -3.17 1.44
C3 GFE I . -21.29 -3.35 1.74
C4 GFE I . -22.09 -0.96 1.52
C4 GFE I . -22.49 -1.22 1.62
C5 GFE I . -22.28 -0.08 0.47
C5 GFE I . -22.74 -0.49 2.77
C6 GFE I . -22.24 1.28 0.72
C6 GFE I . -22.78 0.89 2.73
N1 GFE I . -23.45 -4.35 0.90
N1 GFE I . -23.62 -4.80 1.53
N2 GFE I . -22.38 -6.37 1.37
N2 GFE I . -22.32 -6.66 1.56
N3 GFE I . -21.13 -4.50 1.55
N3 GFE I . -21.23 -4.68 1.61
N4 GFE I . -19.88 -2.57 1.57
N4 GFE I . -20.19 -2.65 1.94
N5 GFE I . -22.15 -2.38 1.31
N5 GFE I . -22.48 -2.66 1.67
CL1 GFE I . -22.45 2.35 -0.61
CL1 GFE I . -23.07 1.77 4.20
C7 GFE I . -22.06 1.77 2.01
C7 GFE I . -22.56 1.56 1.54
CL2 GFE I . -22.06 3.47 2.35
CL2 GFE I . -22.58 3.28 1.47
C8 GFE I . -21.91 0.89 3.06
C8 GFE I . -22.33 0.83 0.38
C9 GFE I . -21.93 -0.47 2.81
C9 GFE I . -22.31 -0.56 0.42
C10 GFE I . -24.31 -2.16 0.11
C10 GFE I . -24.53 -2.86 0.39
C11 GFE I . -24.22 -2.68 2.53
C11 GFE I . -24.60 -3.03 2.86
PA NAP J . 5.28 -18.66 17.86
O1A NAP J . 6.48 -19.16 18.64
O2A NAP J . 4.88 -19.43 16.62
O5B NAP J . 3.99 -18.70 18.80
C5B NAP J . 3.73 -17.79 19.87
C4B NAP J . 2.81 -18.50 20.86
O4B NAP J . 1.47 -18.46 20.36
C3B NAP J . 3.07 -20.02 21.02
O3B NAP J . 4.19 -20.28 21.86
C2B NAP J . 1.76 -20.53 21.62
O2B NAP J . 1.81 -20.55 23.06
C1B NAP J . 0.77 -19.42 21.15
N9A NAP J . -0.27 -20.14 20.41
C8A NAP J . -0.19 -20.91 19.28
N7A NAP J . -1.41 -21.47 19.00
C5A NAP J . -2.25 -21.13 20.03
C6A NAP J . -3.66 -21.40 20.42
N6A NAP J . -4.45 -22.14 19.60
N1A NAP J . -4.11 -20.87 21.55
C2A NAP J . -3.33 -20.06 22.30
N3A NAP J . -2.00 -19.73 22.08
C4A NAP J . -1.46 -20.29 20.99
O3 NAP J . 5.50 -17.12 17.56
PN NAP J . 6.84 -16.23 17.37
O1N NAP J . 7.33 -15.91 18.77
O2N NAP J . 7.70 -16.95 16.37
O5D NAP J . 6.05 -14.96 16.72
C5D NAP J . 5.34 -14.01 17.59
C4D NAP J . 4.40 -13.19 16.73
O4D NAP J . 5.13 -12.51 15.60
C3D NAP J . 3.31 -14.01 16.03
O3D NAP J . 2.12 -13.24 15.97
C2D NAP J . 3.79 -14.23 14.60
O2D NAP J . 2.76 -14.41 13.56
C1D NAP J . 4.54 -12.88 14.36
N1N NAP J . 5.67 -13.09 13.44
C2N NAP J . 6.83 -13.71 13.83
C3N NAP J . 7.88 -13.93 12.93
C7N NAP J . 9.14 -14.67 13.29
O7N NAP J . 10.10 -14.63 12.54
N7N NAP J . 9.23 -15.46 14.37
C4N NAP J . 7.70 -13.49 11.61
C5N NAP J . 6.51 -12.84 11.25
C6N NAP J . 5.49 -12.63 12.16
P2B NAP J . 1.94 -21.88 24.00
O1X NAP J . 3.40 -22.18 23.68
O2X NAP J . 0.99 -22.92 23.49
O3X NAP J . 1.67 -21.45 25.38
C1 GOL K . -3.67 -20.17 35.81
O1 GOL K . -3.19 -20.47 34.50
C2 GOL K . -4.71 -19.08 35.76
O2 GOL K . -5.49 -19.25 34.58
C3 GOL K . -5.57 -19.03 37.02
O3 GOL K . -4.85 -18.40 38.09
C ACT L . 0.98 -17.01 39.15
O ACT L . 0.09 -16.66 38.32
OXT ACT L . 0.85 -16.79 40.40
CH3 ACT L . 2.30 -17.69 38.69
C1 GFE M . 6.53 -18.60 13.06
C2 GFE M . 4.41 -17.65 13.71
C3 GFE M . 5.25 -16.91 11.71
C4 GFE M . 7.36 -17.81 10.88
C5 GFE M . 8.59 -17.19 11.05
C6 GFE M . 9.58 -17.30 10.08
N1 GFE M . 5.47 -18.39 14.03
N2 GFE M . 3.40 -17.72 14.56
N3 GFE M . 4.27 -16.84 12.62
N4 GFE M . 5.23 -16.15 10.63
N5 GFE M . 6.34 -17.73 11.89
CL1 GFE M . 11.10 -16.50 10.33
C7 GFE M . 9.35 -18.03 8.93
CL2 GFE M . 10.57 -18.21 7.71
C8 GFE M . 8.14 -18.67 8.75
C9 GFE M . 7.16 -18.55 9.73
C10 GFE M . 7.87 -18.27 13.70
C11 GFE M . 6.53 -20.07 12.64
PA NAP N . 11.41 1.61 -23.59
O1A NAP N . 11.50 0.85 -24.84
O2A NAP N . 12.53 1.55 -22.63
O5B NAP N . 11.19 3.21 -23.76
C5B NAP N . 10.05 3.84 -24.36
C4B NAP N . 10.50 4.97 -25.30
O4B NAP N . 10.76 6.04 -24.41
C3B NAP N . 11.81 4.88 -26.13
O3B NAP N . 11.58 4.25 -27.43
C2B NAP N . 12.18 6.36 -26.27
O2B NAP N . 11.83 6.86 -27.56
C1B NAP N . 11.29 7.08 -25.18
N9A NAP N . 12.24 7.89 -24.38
C8A NAP N . 13.36 7.46 -23.69
N7A NAP N . 14.05 8.56 -23.24
C5A NAP N . 13.38 9.68 -23.76
C6A NAP N . 13.54 11.16 -23.72
N6A NAP N . 14.60 11.71 -23.09
N1A NAP N . 12.64 11.94 -24.36
C2A NAP N . 11.58 11.40 -25.03
N3A NAP N . 11.33 10.05 -25.08
C4A NAP N . 12.22 9.21 -24.49
O3 NAP N . 9.96 1.34 -22.86
PN NAP N . 9.09 -0.01 -22.82
O1N NAP N . 10.01 -1.16 -22.42
O2N NAP N . 8.41 -0.15 -24.14
O5D NAP N . 8.04 0.32 -21.60
C5D NAP N . 6.95 1.25 -21.88
C4D NAP N . 6.59 1.82 -20.49
O4D NAP N . 6.36 0.68 -19.55
C3D NAP N . 7.68 2.67 -19.82
O3D NAP N . 7.05 3.80 -19.13
C2D NAP N . 8.35 1.72 -18.81
O2D NAP N . 8.99 2.34 -17.66
C1D NAP N . 7.13 0.86 -18.35
N1N NAP N . 7.53 -0.47 -17.87
C2N NAP N . 8.00 -1.33 -18.82
C3N NAP N . 8.47 -2.61 -18.43
C7N NAP N . 8.98 -3.65 -19.43
O7N NAP N . 9.18 -4.75 -18.93
N7N NAP N . 9.23 -3.36 -20.71
C4N NAP N . 8.50 -2.96 -17.08
C5N NAP N . 8.02 -2.00 -16.15
C6N NAP N . 7.51 -0.77 -16.52
P2B NAP N . 12.79 6.91 -28.86
O1X NAP N . 13.07 5.44 -29.13
O2X NAP N . 14.06 7.67 -28.42
O3X NAP N . 11.92 7.48 -29.98
C1 GFE O . 12.99 -0.90 -19.71
C2 GFE O . 11.89 1.22 -19.24
C3 GFE O . 11.72 -0.34 -17.61
C4 GFE O . 12.77 -2.51 -17.80
C5 GFE O . 12.08 -3.65 -18.15
C6 GFE O . 12.44 -4.87 -17.62
N1 GFE O . 12.45 0.37 -20.13
N2 GFE O . 11.62 2.44 -19.65
N3 GFE O . 11.51 0.91 -17.99
N4 GFE O . 11.22 -0.75 -16.44
N5 GFE O . 12.41 -1.24 -18.37
CL1 GFE O . 11.53 -6.25 -18.10
C7 GFE O . 13.52 -4.97 -16.74
CL2 GFE O . 14.02 -6.47 -16.03
C8 GFE O . 14.22 -3.83 -16.40
C9 GFE O . 13.84 -2.61 -16.93
C10 GFE O . 12.72 -1.92 -20.81
C11 GFE O . 14.51 -0.74 -19.61
#